data_5FYN
#
_entry.id   5FYN
#
_cell.length_a   1.000
_cell.length_b   1.000
_cell.length_c   1.000
_cell.angle_alpha   90.00
_cell.angle_beta   90.00
_cell.angle_gamma   90.00
#
_symmetry.space_group_name_H-M   'P 1'
#
loop_
_entity.id
_entity.type
_entity.pdbx_description
1 polymer 'PUUMALA VIRUS GN GLYCOPROTEIN'
2 branched alpha-D-mannopyranose-(1-3)-beta-D-mannopyranose-(1-4)-2-acetamido-2-deoxy-beta-D-glucopyranose-(1-4)-2-acetamido-2-deoxy-beta-D-glucopyranose
3 branched 2-acetamido-2-deoxy-beta-D-glucopyranose-(1-4)-2-acetamido-2-deoxy-beta-D-glucopyranose
4 branched beta-D-mannopyranose-(1-4)-2-acetamido-2-deoxy-beta-D-glucopyranose-(1-4)-2-acetamido-2-deoxy-beta-D-glucopyranose
#
_entity_poly.entity_id   1
_entity_poly.type   'polypeptide(L)'
_entity_poly.pdbx_seq_one_letter_code
;ETGELKIECPHTIGLGQGLVIGSVELPPVPLTQVESLKLESSCNFDLHTSTSSQQPFTKWTWEMKSDLAENTQASSTSFQ
TKSSEINLRGLCLVPPLVIETAARTRKTIACFDLSCNQTACQPTVFLIGPIQTCITTKSCLLGLGDQRIQVNYEKTYCVS
GQLVEGVCFNPVHTMALSQPSHTYDIVTVMVRCFLIAKKVSTGDSMKLEKSFETLVQKTSCTGNGFQGYYICLVGSSSEP
LYIPTLDDYRSAEVLSRMAFAPHGEDHDVEKNAISAMRIIGKVTGKAPSTESSDTIQGVAFSGNPLYTSTGVLTAKDDPV
YIWAPGIIMEGNHSVCDKKTLPLTWTGFIPLPGEIEKT
;
_entity_poly.pdbx_strand_id   A,B
#
# COMPACT_ATOMS: atom_id res chain seq x y z
N THR A 2 26.57 2.00 -3.66
CA THR A 2 25.14 1.65 -3.90
C THR A 2 24.74 1.86 -5.37
N GLY A 3 24.35 0.79 -6.06
CA GLY A 3 23.76 0.90 -7.41
C GLY A 3 22.31 1.36 -7.32
N GLU A 4 21.73 1.73 -8.47
CA GLU A 4 20.34 2.19 -8.52
C GLU A 4 19.50 1.37 -9.53
N LEU A 5 18.47 0.70 -9.03
CA LEU A 5 17.54 -0.01 -9.88
C LEU A 5 16.22 0.76 -9.87
N LYS A 6 15.93 1.40 -10.99
CA LYS A 6 14.78 2.26 -11.12
C LYS A 6 13.59 1.48 -11.67
N ILE A 7 12.44 1.64 -11.02
CA ILE A 7 11.18 1.09 -11.50
C ILE A 7 10.30 2.30 -11.83
N GLU A 8 9.83 2.33 -13.07
CA GLU A 8 8.88 3.31 -13.51
C GLU A 8 7.46 2.76 -13.24
N CYS A 9 6.74 3.43 -12.35
CA CYS A 9 5.38 3.04 -11.94
C CYS A 9 4.28 3.72 -12.76
N PRO A 10 3.35 2.95 -13.35
CA PRO A 10 2.19 3.59 -14.02
C PRO A 10 1.21 4.25 -13.04
N HIS A 11 0.31 5.12 -13.54
CA HIS A 11 -0.75 5.74 -12.69
C HIS A 11 -1.79 4.76 -12.20
N THR A 12 -2.19 3.80 -13.04
CA THR A 12 -3.17 2.76 -12.67
C THR A 12 -2.62 1.34 -12.89
N ILE A 13 -3.27 0.37 -12.26
CA ILE A 13 -2.98 -1.04 -12.51
C ILE A 13 -3.59 -1.47 -13.84
N GLY A 14 -4.83 -1.04 -14.11
CA GLY A 14 -5.52 -1.33 -15.36
C GLY A 14 -5.99 -2.77 -15.44
N LEU A 15 -5.64 -3.44 -16.53
CA LEU A 15 -6.21 -4.76 -16.86
C LEU A 15 -5.63 -5.95 -16.05
N GLY A 16 -4.80 -5.68 -15.05
CA GLY A 16 -4.42 -6.68 -14.05
C GLY A 16 -3.16 -7.51 -14.31
N GLN A 17 -2.84 -7.79 -15.58
CA GLN A 17 -1.83 -8.81 -15.94
C GLN A 17 -0.39 -8.29 -16.27
N GLY A 18 -0.17 -6.98 -16.07
CA GLY A 18 1.10 -6.34 -16.37
C GLY A 18 2.10 -6.54 -15.26
N LEU A 19 3.38 -6.46 -15.60
CA LEU A 19 4.43 -6.52 -14.63
C LEU A 19 5.32 -5.29 -14.79
N VAL A 20 5.93 -4.84 -13.71
CA VAL A 20 7.02 -3.87 -13.80
C VAL A 20 8.34 -4.63 -13.92
N ILE A 21 9.31 -4.02 -14.58
CA ILE A 21 10.66 -4.57 -14.69
C ILE A 21 11.67 -3.46 -14.59
N GLY A 22 12.77 -3.74 -13.91
CA GLY A 22 13.95 -2.87 -13.95
C GLY A 22 15.23 -3.69 -13.90
N SER A 23 16.37 -3.06 -14.17
CA SER A 23 17.63 -3.80 -14.16
C SER A 23 18.77 -2.86 -14.00
N VAL A 24 19.85 -3.34 -13.39
CA VAL A 24 21.05 -2.53 -13.26
C VAL A 24 22.31 -3.42 -13.39
N GLU A 25 23.33 -2.94 -14.08
CA GLU A 25 24.62 -3.59 -14.16
C GLU A 25 25.53 -3.05 -13.07
N LEU A 26 26.05 -3.94 -12.23
CA LEU A 26 26.93 -3.57 -11.11
C LEU A 26 28.40 -3.56 -11.51
N PRO A 27 29.27 -3.02 -10.63
CA PRO A 27 30.70 -3.05 -10.89
C PRO A 27 31.33 -4.45 -10.89
N PRO A 28 32.54 -4.58 -11.46
CA PRO A 28 33.22 -5.88 -11.57
C PRO A 28 33.58 -6.49 -10.21
N VAL A 29 33.38 -7.79 -10.09
CA VAL A 29 33.80 -8.59 -8.94
C VAL A 29 34.78 -9.62 -9.52
N PRO A 30 35.77 -10.08 -8.73
CA PRO A 30 36.67 -11.18 -9.17
C PRO A 30 35.90 -12.49 -9.42
N LEU A 31 36.40 -13.36 -10.30
CA LEU A 31 35.69 -14.61 -10.64
C LEU A 31 35.46 -15.53 -9.46
N THR A 32 36.46 -15.64 -8.60
CA THR A 32 36.39 -16.53 -7.43
C THR A 32 35.20 -16.20 -6.52
N GLN A 33 34.80 -14.93 -6.51
CA GLN A 33 33.62 -14.50 -5.75
C GLN A 33 32.27 -14.78 -6.39
N VAL A 34 32.25 -15.12 -7.66
CA VAL A 34 30.99 -15.28 -8.42
C VAL A 34 30.21 -16.48 -7.93
N GLU A 35 30.91 -17.57 -7.64
CA GLU A 35 30.28 -18.79 -7.14
C GLU A 35 29.60 -18.61 -5.75
N SER A 36 30.04 -17.61 -4.97
CA SER A 36 29.45 -17.28 -3.67
C SER A 36 28.28 -16.29 -3.70
N LEU A 37 28.00 -15.67 -4.84
CA LEU A 37 27.03 -14.57 -4.89
C LEU A 37 25.60 -15.02 -4.58
N LYS A 38 24.98 -14.35 -3.60
CA LYS A 38 23.59 -14.61 -3.19
C LYS A 38 22.84 -13.28 -3.21
N LEU A 39 21.66 -13.25 -3.82
CA LEU A 39 20.79 -12.08 -3.72
C LEU A 39 20.09 -12.06 -2.38
N GLU A 40 20.22 -10.97 -1.64
CA GLU A 40 19.46 -10.74 -0.41
C GLU A 40 18.46 -9.64 -0.71
N SER A 41 17.33 -9.66 -0.02
CA SER A 41 16.32 -8.61 -0.18
C SER A 41 15.77 -8.18 1.17
N SER A 42 15.65 -6.87 1.35
CA SER A 42 14.89 -6.30 2.44
C SER A 42 13.52 -5.79 1.96
N CYS A 43 13.12 -6.08 0.74
CA CYS A 43 11.94 -5.47 0.15
C CYS A 43 10.67 -6.17 0.61
N ASN A 44 9.56 -5.43 0.65
CA ASN A 44 8.25 -5.96 1.09
C ASN A 44 7.50 -6.54 -0.11
N PHE A 45 8.09 -7.60 -0.68
CA PHE A 45 7.46 -8.35 -1.74
C PHE A 45 7.75 -9.85 -1.61
N ASP A 46 7.02 -10.65 -2.38
CA ASP A 46 7.04 -12.10 -2.28
C ASP A 46 7.98 -12.74 -3.32
N LEU A 47 9.24 -12.89 -2.93
CA LEU A 47 10.29 -13.46 -3.79
C LEU A 47 9.97 -14.90 -4.22
N HIS A 48 10.02 -15.14 -5.52
CA HIS A 48 9.98 -16.49 -6.04
C HIS A 48 11.34 -17.17 -5.76
N THR A 49 11.31 -18.39 -5.22
CA THR A 49 12.51 -19.08 -4.70
C THR A 49 13.32 -19.84 -5.76
N SER A 50 12.70 -20.08 -6.92
CA SER A 50 13.32 -20.80 -8.05
C SER A 50 14.78 -20.44 -8.37
N THR A 51 15.06 -19.15 -8.56
CA THR A 51 16.35 -18.70 -9.10
C THR A 51 17.52 -18.86 -8.12
N SER A 52 17.26 -18.83 -6.82
CA SER A 52 18.30 -19.01 -5.80
C SER A 52 18.74 -20.48 -5.53
N SER A 53 18.08 -21.48 -6.15
CA SER A 53 18.54 -22.87 -6.10
C SER A 53 19.82 -23.10 -6.95
N GLN A 54 20.47 -24.24 -6.73
CA GLN A 54 21.71 -24.59 -7.42
C GLN A 54 21.41 -25.02 -8.84
N GLN A 55 22.24 -24.56 -9.78
CA GLN A 55 21.96 -24.76 -11.19
C GLN A 55 23.26 -25.14 -11.93
N PRO A 56 23.28 -26.33 -12.58
CA PRO A 56 24.52 -26.82 -13.17
C PRO A 56 24.90 -26.15 -14.50
N PHE A 57 26.12 -25.64 -14.54
CA PHE A 57 26.73 -24.95 -15.67
C PHE A 57 28.05 -25.61 -16.02
N THR A 58 28.38 -25.59 -17.30
CA THR A 58 29.70 -25.90 -17.75
C THR A 58 30.46 -24.61 -17.78
N LYS A 59 31.52 -24.50 -17.00
CA LYS A 59 32.41 -23.34 -17.06
C LYS A 59 33.50 -23.56 -18.11
N TRP A 60 33.62 -22.64 -19.07
CA TRP A 60 34.51 -22.73 -20.18
C TRP A 60 35.38 -21.49 -20.18
N THR A 61 36.71 -21.68 -20.10
CA THR A 61 37.68 -20.59 -19.87
C THR A 61 38.86 -20.72 -20.84
N TRP A 62 39.58 -19.63 -21.09
CA TRP A 62 40.76 -19.68 -21.96
C TRP A 62 41.99 -19.10 -21.26
N GLU A 63 43.18 -19.60 -21.64
CA GLU A 63 44.48 -19.10 -21.18
C GLU A 63 45.40 -18.94 -22.39
N MET A 64 46.26 -17.93 -22.36
CA MET A 64 47.33 -17.88 -23.34
C MET A 64 48.31 -19.06 -23.18
N LYS A 65 48.77 -19.57 -24.32
CA LYS A 65 49.73 -20.66 -24.40
C LYS A 65 50.74 -20.37 -25.52
N SER A 66 51.92 -20.98 -25.45
CA SER A 66 52.87 -21.01 -26.58
C SER A 66 53.77 -22.21 -26.48
N THR A 77 45.79 -22.88 -31.20
CA THR A 77 46.84 -22.04 -31.79
C THR A 77 47.73 -21.45 -30.67
N SER A 78 47.39 -20.24 -30.23
CA SER A 78 47.99 -19.65 -29.07
C SER A 78 47.07 -19.76 -27.83
N PHE A 79 46.08 -20.64 -27.82
CA PHE A 79 45.11 -20.71 -26.72
C PHE A 79 45.07 -22.09 -26.15
N GLN A 80 44.88 -22.16 -24.86
CA GLN A 80 44.48 -23.35 -24.20
C GLN A 80 43.12 -23.04 -23.60
N THR A 81 42.11 -23.83 -23.95
CA THR A 81 40.83 -23.75 -23.28
C THR A 81 40.62 -24.93 -22.38
N LYS A 82 39.75 -24.81 -21.40
CA LYS A 82 39.35 -25.95 -20.62
C LYS A 82 37.92 -25.76 -20.10
N SER A 83 37.34 -26.85 -19.60
CA SER A 83 36.01 -26.79 -19.06
C SER A 83 35.76 -27.76 -17.92
N SER A 84 34.77 -27.44 -17.09
CA SER A 84 34.31 -28.29 -16.01
C SER A 84 32.86 -27.96 -15.63
N GLU A 85 32.21 -28.89 -14.93
CA GLU A 85 30.83 -28.70 -14.48
C GLU A 85 30.82 -28.17 -13.06
N ILE A 86 30.09 -27.08 -12.86
CA ILE A 86 29.97 -26.42 -11.55
C ILE A 86 28.53 -26.03 -11.35
N ASN A 87 28.20 -25.68 -10.11
CA ASN A 87 26.85 -25.24 -9.77
C ASN A 87 26.91 -23.76 -9.46
N LEU A 88 26.04 -23.00 -10.08
CA LEU A 88 25.89 -21.58 -9.79
C LEU A 88 24.55 -21.40 -9.10
N ARG A 89 24.35 -20.28 -8.43
CA ARG A 89 23.03 -19.92 -7.95
C ARG A 89 22.68 -18.52 -8.26
N GLY A 90 21.37 -18.24 -8.26
CA GLY A 90 20.88 -16.89 -8.43
C GLY A 90 20.80 -16.40 -9.87
N LEU A 91 21.24 -17.18 -10.84
CA LEU A 91 21.19 -16.74 -12.23
C LEU A 91 19.76 -16.78 -12.76
N CYS A 92 19.53 -15.99 -13.81
CA CYS A 92 18.23 -15.89 -14.44
C CYS A 92 17.93 -17.10 -15.30
N LEU A 93 17.64 -18.22 -14.63
CA LEU A 93 17.09 -19.43 -15.22
C LEU A 93 15.70 -19.57 -14.63
N VAL A 94 14.73 -19.00 -15.32
CA VAL A 94 13.40 -18.90 -14.80
C VAL A 94 12.60 -20.10 -15.32
N PRO A 95 11.87 -20.80 -14.45
CA PRO A 95 11.10 -21.93 -14.94
C PRO A 95 9.94 -21.50 -15.79
N PRO A 96 9.41 -22.41 -16.61
CA PRO A 96 8.20 -22.08 -17.39
C PRO A 96 7.04 -21.64 -16.50
N LEU A 97 6.23 -20.71 -16.99
CA LEU A 97 5.04 -20.16 -16.33
C LEU A 97 5.28 -19.15 -15.21
N VAL A 98 6.49 -19.05 -14.68
CA VAL A 98 6.73 -18.21 -13.50
C VAL A 98 6.50 -16.73 -13.82
N ILE A 99 7.14 -16.23 -14.87
CA ILE A 99 6.94 -14.86 -15.28
C ILE A 99 5.51 -14.68 -15.83
N GLU A 100 5.06 -15.63 -16.65
CA GLU A 100 3.74 -15.52 -17.30
C GLU A 100 2.60 -15.37 -16.33
N THR A 101 2.72 -15.98 -15.16
CA THR A 101 1.64 -15.94 -14.15
C THR A 101 2.00 -15.12 -12.91
N ALA A 102 3.07 -14.34 -12.96
CA ALA A 102 3.50 -13.56 -11.81
C ALA A 102 2.49 -12.49 -11.36
N ALA A 103 1.75 -11.92 -12.31
CA ALA A 103 0.73 -10.93 -11.98
C ALA A 103 -0.39 -11.54 -11.14
N ARG A 104 -0.70 -12.81 -11.40
CA ARG A 104 -1.73 -13.55 -10.69
C ARG A 104 -1.24 -14.14 -9.38
N THR A 105 -0.03 -14.70 -9.39
CA THR A 105 0.56 -15.27 -8.18
C THR A 105 1.13 -14.23 -7.22
N ARG A 106 1.33 -13.01 -7.70
CA ARG A 106 1.94 -11.95 -6.93
C ARG A 106 3.37 -12.25 -6.51
N LYS A 107 4.08 -12.99 -7.35
CA LYS A 107 5.47 -13.32 -7.11
C LYS A 107 6.40 -12.33 -7.80
N THR A 108 7.51 -12.06 -7.15
CA THR A 108 8.53 -11.18 -7.65
C THR A 108 9.73 -12.05 -8.03
N ILE A 109 10.31 -11.79 -9.20
CA ILE A 109 11.49 -12.49 -9.69
C ILE A 109 12.65 -11.53 -9.57
N ALA A 110 13.68 -11.97 -8.87
CA ALA A 110 14.93 -11.22 -8.76
C ALA A 110 16.06 -12.21 -9.00
N CYS A 111 16.89 -11.92 -10.00
CA CYS A 111 17.95 -12.80 -10.43
C CYS A 111 19.00 -11.97 -11.17
N PHE A 112 20.16 -12.55 -11.49
CA PHE A 112 21.22 -11.80 -12.21
C PHE A 112 21.78 -12.60 -13.36
N ASP A 113 22.30 -11.91 -14.35
CA ASP A 113 23.11 -12.52 -15.40
C ASP A 113 24.56 -12.01 -15.19
N LEU A 114 25.53 -12.62 -15.87
CA LEU A 114 26.96 -12.31 -15.69
C LEU A 114 27.59 -11.93 -17.01
N SER A 115 28.37 -10.85 -16.99
CA SER A 115 29.10 -10.38 -18.14
C SER A 115 30.53 -10.34 -17.63
N CYS A 116 31.39 -11.19 -18.20
CA CYS A 116 32.68 -11.51 -17.63
C CYS A 116 33.83 -11.51 -18.66
N ASN A 117 35.01 -11.10 -18.21
CA ASN A 117 36.24 -11.38 -18.94
C ASN A 117 36.91 -12.53 -18.20
N GLN A 118 38.17 -12.83 -18.49
CA GLN A 118 38.87 -13.92 -17.79
C GLN A 118 38.94 -13.81 -16.26
N THR A 119 39.04 -12.59 -15.75
CA THR A 119 39.35 -12.37 -14.33
C THR A 119 38.22 -11.75 -13.51
N ALA A 120 37.28 -11.06 -14.16
CA ALA A 120 36.20 -10.38 -13.46
C ALA A 120 34.84 -10.50 -14.12
N CYS A 121 33.78 -10.38 -13.31
CA CYS A 121 32.39 -10.38 -13.77
C CYS A 121 31.58 -9.18 -13.29
N GLN A 122 30.78 -8.61 -14.18
CA GLN A 122 29.78 -7.62 -13.82
C GLN A 122 28.42 -8.30 -13.79
N PRO A 123 27.84 -8.51 -12.60
CA PRO A 123 26.47 -8.99 -12.56
C PRO A 123 25.47 -7.90 -13.01
N THR A 124 24.44 -8.32 -13.74
CA THR A 124 23.36 -7.44 -14.10
C THR A 124 22.17 -8.02 -13.33
N VAL A 125 21.60 -7.22 -12.45
CA VAL A 125 20.47 -7.66 -11.63
C VAL A 125 19.17 -7.26 -12.32
N PHE A 126 18.26 -8.22 -12.44
CA PHE A 126 16.94 -8.00 -13.02
C PHE A 126 15.90 -8.17 -11.92
N LEU A 127 14.95 -7.24 -11.84
CA LEU A 127 13.82 -7.34 -10.91
C LEU A 127 12.55 -7.21 -11.67
N ILE A 128 11.69 -8.22 -11.55
CA ILE A 128 10.40 -8.27 -12.24
C ILE A 128 9.33 -8.57 -11.22
N GLY A 129 8.21 -7.87 -11.28
CA GLY A 129 7.16 -8.15 -10.34
C GLY A 129 5.84 -7.46 -10.58
N PRO A 130 4.88 -7.71 -9.70
CA PRO A 130 3.53 -7.17 -9.97
C PRO A 130 3.49 -5.66 -9.82
N ILE A 131 2.61 -5.05 -10.61
CA ILE A 131 2.45 -3.60 -10.58
C ILE A 131 1.98 -3.09 -9.20
N GLN A 132 1.34 -3.95 -8.39
CA GLN A 132 0.91 -3.61 -7.02
C GLN A 132 2.06 -3.20 -6.10
N THR A 133 3.27 -3.67 -6.41
CA THR A 133 4.47 -3.28 -5.68
C THR A 133 4.66 -1.76 -5.64
N CYS A 134 4.29 -1.08 -6.72
CA CYS A 134 4.25 0.37 -6.80
C CYS A 134 3.34 1.07 -5.78
N ILE A 135 2.31 0.39 -5.28
CA ILE A 135 1.47 0.91 -4.20
C ILE A 135 2.16 0.68 -2.86
N THR A 136 2.78 -0.48 -2.68
CA THR A 136 3.34 -0.85 -1.39
C THR A 136 4.70 -0.27 -1.08
N THR A 137 5.41 0.23 -2.08
CA THR A 137 6.87 0.41 -1.97
C THR A 137 7.37 1.66 -2.70
N LYS A 138 8.09 2.52 -1.98
CA LYS A 138 8.80 3.67 -2.55
C LYS A 138 10.28 3.33 -2.83
N SER A 139 10.93 2.70 -1.87
CA SER A 139 12.29 2.23 -2.06
C SER A 139 12.59 1.08 -1.13
N CYS A 140 13.54 0.25 -1.53
CA CYS A 140 14.01 -0.85 -0.71
C CYS A 140 15.38 -1.29 -1.19
N LEU A 141 15.96 -2.29 -0.53
CA LEU A 141 17.35 -2.65 -0.75
C LEU A 141 17.50 -4.11 -1.15
N LEU A 142 18.35 -4.34 -2.14
CA LEU A 142 18.86 -5.66 -2.44
C LEU A 142 20.36 -5.64 -2.18
N GLY A 143 20.88 -6.79 -1.82
CA GLY A 143 22.31 -6.97 -1.70
C GLY A 143 22.76 -8.10 -2.59
N LEU A 144 23.95 -7.92 -3.15
CA LEU A 144 24.61 -8.96 -3.93
C LEU A 144 26.10 -8.91 -3.63
N GLY A 145 26.57 -9.97 -2.98
CA GLY A 145 27.91 -10.02 -2.38
C GLY A 145 28.09 -8.84 -1.46
N ASP A 146 29.00 -7.95 -1.87
CA ASP A 146 29.36 -6.75 -1.10
C ASP A 146 28.72 -5.45 -1.63
N GLN A 147 27.84 -5.57 -2.62
CA GLN A 147 27.18 -4.41 -3.21
C GLN A 147 25.76 -4.27 -2.70
N ARG A 148 25.36 -3.03 -2.45
CA ARG A 148 24.01 -2.71 -2.05
C ARG A 148 23.34 -2.09 -3.28
N ILE A 149 22.06 -2.42 -3.47
CA ILE A 149 21.29 -1.91 -4.59
C ILE A 149 20.05 -1.25 -4.04
N GLN A 150 19.92 0.02 -4.37
CA GLN A 150 18.77 0.83 -4.03
C GLN A 150 17.73 0.69 -5.16
N VAL A 151 16.60 0.06 -4.83
CA VAL A 151 15.47 0.01 -5.75
C VAL A 151 14.64 1.23 -5.47
N ASN A 152 14.37 2.03 -6.49
CA ASN A 152 13.55 3.24 -6.38
C ASN A 152 12.35 3.12 -7.27
N TYR A 153 11.16 3.17 -6.66
CA TYR A 153 9.92 3.13 -7.41
C TYR A 153 9.52 4.58 -7.59
N GLU A 154 9.35 4.99 -8.83
CA GLU A 154 9.11 6.39 -9.16
C GLU A 154 7.90 6.49 -10.06
N LYS A 155 7.01 7.44 -9.75
CA LYS A 155 5.74 7.57 -10.46
C LYS A 155 5.96 8.32 -11.77
N THR A 156 5.29 7.87 -12.82
CA THR A 156 5.60 8.33 -14.18
C THR A 156 5.07 9.76 -14.44
N TYR A 157 5.88 10.54 -15.15
CA TYR A 157 5.47 11.84 -15.71
C TYR A 157 4.26 11.81 -16.63
N CYS A 158 3.96 10.66 -17.23
CA CYS A 158 2.93 10.54 -18.26
C CYS A 158 1.55 10.30 -17.66
N VAL A 159 0.50 10.52 -18.46
CA VAL A 159 -0.90 10.26 -18.05
C VAL A 159 -1.44 8.92 -18.55
N SER A 160 -1.04 8.51 -19.75
CA SER A 160 -1.55 7.27 -20.37
C SER A 160 -0.45 6.23 -20.71
N GLY A 161 0.81 6.63 -20.76
CA GLY A 161 1.89 5.76 -21.18
C GLY A 161 3.16 5.77 -20.33
N GLN A 162 4.29 5.69 -21.00
CA GLN A 162 5.59 5.57 -20.35
C GLN A 162 6.55 6.55 -20.93
N LEU A 163 7.47 7.02 -20.11
CA LEU A 163 8.53 7.91 -20.56
C LEU A 163 9.57 7.13 -21.39
N VAL A 164 9.59 7.37 -22.69
CA VAL A 164 10.48 6.67 -23.62
C VAL A 164 11.24 7.69 -24.46
N GLU A 165 12.56 7.68 -24.34
CA GLU A 165 13.43 8.66 -25.00
C GLU A 165 13.01 10.11 -24.65
N GLY A 166 12.61 10.35 -23.39
CA GLY A 166 12.11 11.67 -22.97
C GLY A 166 10.74 12.07 -23.51
N VAL A 167 9.94 11.10 -23.94
CA VAL A 167 8.64 11.34 -24.57
C VAL A 167 7.61 10.40 -23.97
N CYS A 168 6.40 10.87 -23.73
CA CYS A 168 5.34 10.03 -23.20
C CYS A 168 4.62 9.30 -24.31
N PHE A 169 4.61 7.96 -24.27
CA PHE A 169 4.14 7.12 -25.42
C PHE A 169 3.17 6.02 -25.00
N ASN A 170 2.08 5.82 -25.77
CA ASN A 170 1.12 4.73 -25.59
C ASN A 170 1.02 3.84 -26.86
N PRO A 171 1.41 2.54 -26.79
CA PRO A 171 1.42 1.73 -28.02
C PRO A 171 0.03 1.32 -28.47
N VAL A 172 -0.11 0.89 -29.73
CA VAL A 172 -1.36 0.32 -30.26
C VAL A 172 -1.79 -0.89 -29.41
N HIS A 173 -3.10 -1.03 -29.20
CA HIS A 173 -3.71 -2.07 -28.35
C HIS A 173 -4.59 -3.11 -29.07
N THR A 174 -5.15 -2.77 -30.24
CA THR A 174 -6.09 -3.65 -30.96
C THR A 174 -5.43 -4.88 -31.60
N MET A 175 -6.22 -5.95 -31.67
CA MET A 175 -5.77 -7.23 -32.22
C MET A 175 -5.77 -7.24 -33.75
N ALA A 176 -6.64 -6.44 -34.37
CA ALA A 176 -6.67 -6.23 -35.83
C ALA A 176 -5.52 -5.33 -36.35
N LEU A 177 -5.55 -5.03 -37.66
CA LEU A 177 -4.65 -4.04 -38.28
C LEU A 177 -5.46 -2.76 -38.54
N SER A 178 -4.80 -1.60 -38.49
CA SER A 178 -5.46 -0.30 -38.66
C SER A 178 -5.44 0.10 -40.13
N TYR A 184 -0.03 6.51 -37.45
CA TYR A 184 0.38 6.36 -36.05
C TYR A 184 1.80 6.88 -35.78
N ASP A 185 2.15 7.23 -34.55
CA ASP A 185 3.55 7.59 -34.18
C ASP A 185 4.36 6.32 -33.94
N ILE A 186 5.68 6.44 -34.04
CA ILE A 186 6.57 5.30 -33.88
C ILE A 186 7.65 5.64 -32.85
N VAL A 187 7.74 4.85 -31.80
CA VAL A 187 8.73 5.03 -30.75
C VAL A 187 9.50 3.74 -30.50
N THR A 188 10.80 3.88 -30.33
CA THR A 188 11.68 2.75 -30.05
C THR A 188 11.74 2.45 -28.55
N VAL A 189 11.40 1.22 -28.16
CA VAL A 189 11.36 0.84 -26.74
C VAL A 189 12.29 -0.33 -26.44
N MET A 190 12.71 -0.40 -25.19
CA MET A 190 13.53 -1.49 -24.69
C MET A 190 12.70 -2.76 -24.53
N VAL A 191 13.33 -3.89 -24.86
CA VAL A 191 12.77 -5.20 -24.61
C VAL A 191 13.81 -6.00 -23.86
N ARG A 192 13.37 -6.64 -22.79
CA ARG A 192 14.20 -7.58 -22.01
C ARG A 192 13.58 -8.96 -21.97
N CYS A 193 14.38 -9.96 -22.34
CA CYS A 193 13.92 -11.33 -22.57
C CYS A 193 14.76 -12.35 -21.81
N PHE A 194 14.09 -13.39 -21.32
CA PHE A 194 14.70 -14.45 -20.53
C PHE A 194 14.43 -15.77 -21.21
N LEU A 195 15.48 -16.56 -21.36
CA LEU A 195 15.39 -17.86 -21.98
C LEU A 195 14.81 -18.90 -21.03
N ILE A 196 13.76 -19.58 -21.48
CA ILE A 196 13.08 -20.59 -20.67
C ILE A 196 13.21 -21.94 -21.36
N ALA A 197 13.71 -22.95 -20.64
CA ALA A 197 13.75 -24.32 -21.14
C ALA A 197 12.40 -25.01 -20.94
N LYS A 198 11.85 -25.52 -22.02
CA LYS A 198 10.54 -26.15 -22.02
C LYS A 198 10.45 -27.18 -23.16
N LYS A 199 10.35 -28.43 -22.78
CA LYS A 199 10.26 -29.57 -23.70
C LYS A 199 8.79 -29.96 -23.97
N VAL A 200 8.51 -30.47 -25.18
CA VAL A 200 7.28 -31.25 -25.43
C VAL A 200 7.71 -32.65 -25.90
N SER A 201 6.79 -33.62 -25.81
CA SER A 201 7.09 -35.01 -26.21
C SER A 201 7.27 -35.23 -27.72
N THR A 202 6.50 -34.48 -28.53
CA THR A 202 6.30 -34.77 -29.94
C THR A 202 6.39 -33.50 -30.78
N GLY A 203 7.13 -33.57 -31.90
CA GLY A 203 7.17 -32.49 -32.88
C GLY A 203 8.22 -31.43 -32.63
N ASP A 204 8.08 -30.31 -33.35
CA ASP A 204 9.10 -29.26 -33.43
C ASP A 204 8.58 -27.88 -32.98
N SER A 205 7.43 -27.82 -32.33
CA SER A 205 6.84 -26.53 -31.91
C SER A 205 7.71 -25.69 -30.94
N MET A 206 8.56 -26.34 -30.15
CA MET A 206 9.44 -25.68 -29.17
C MET A 206 10.89 -25.59 -29.63
N LYS A 207 11.20 -26.01 -30.87
CA LYS A 207 12.57 -25.94 -31.40
C LYS A 207 12.94 -24.49 -31.78
N LEU A 208 13.30 -23.72 -30.75
CA LEU A 208 13.55 -22.28 -30.89
C LEU A 208 14.62 -21.93 -31.94
N GLU A 209 15.72 -22.67 -32.00
CA GLU A 209 16.79 -22.34 -32.93
C GLU A 209 16.36 -22.58 -34.39
N LYS A 210 15.44 -23.53 -34.61
CA LYS A 210 14.85 -23.70 -35.94
C LYS A 210 14.12 -22.45 -36.41
N SER A 211 13.45 -21.75 -35.50
CA SER A 211 12.80 -20.50 -35.85
C SER A 211 13.80 -19.47 -36.33
N PHE A 212 14.95 -19.37 -35.64
CA PHE A 212 16.00 -18.46 -36.08
C PHE A 212 16.55 -18.85 -37.45
N GLU A 213 16.75 -20.15 -37.65
CA GLU A 213 17.32 -20.66 -38.90
C GLU A 213 16.41 -20.36 -40.13
N THR A 214 15.10 -20.55 -40.00
CA THR A 214 14.16 -20.15 -41.08
C THR A 214 14.30 -18.67 -41.44
N LEU A 215 14.50 -17.83 -40.45
CA LEU A 215 14.61 -16.40 -40.68
C LEU A 215 15.92 -15.98 -41.38
N VAL A 216 17.04 -16.64 -41.03
CA VAL A 216 18.39 -16.22 -41.50
C VAL A 216 19.25 -17.28 -42.24
N GLN A 217 18.65 -18.37 -42.73
CA GLN A 217 19.49 -19.39 -43.40
C GLN A 217 19.14 -19.68 -44.83
N LYS A 218 20.17 -20.14 -45.53
CA LYS A 218 20.09 -20.52 -46.92
C LYS A 218 19.61 -22.00 -46.92
N THR A 219 20.46 -22.86 -46.35
CA THR A 219 20.32 -24.31 -46.43
C THR A 219 19.91 -24.95 -45.08
N SER A 220 19.72 -26.28 -45.09
CA SER A 220 19.23 -27.04 -43.92
C SER A 220 20.31 -27.48 -42.91
N CYS A 221 20.18 -27.00 -41.67
CA CYS A 221 20.94 -27.51 -40.52
C CYS A 221 20.34 -28.79 -39.99
N THR A 222 21.20 -29.72 -39.61
CA THR A 222 20.75 -31.08 -39.26
C THR A 222 20.19 -31.11 -37.81
N GLY A 223 21.03 -30.73 -36.85
CA GLY A 223 20.79 -30.95 -35.42
C GLY A 223 20.80 -29.77 -34.44
N ASN A 224 19.75 -28.94 -34.49
CA ASN A 224 19.50 -27.90 -33.48
C ASN A 224 18.19 -28.11 -32.69
N GLY A 225 18.35 -28.98 -31.71
CA GLY A 225 17.27 -29.56 -30.96
C GLY A 225 16.85 -28.88 -29.67
N PHE A 226 17.51 -27.81 -29.22
CA PHE A 226 17.08 -27.12 -28.00
C PHE A 226 15.57 -26.78 -27.99
N GLN A 227 14.90 -27.06 -26.87
CA GLN A 227 13.48 -26.80 -26.74
C GLN A 227 13.24 -25.77 -25.65
N GLY A 228 12.64 -24.66 -26.07
CA GLY A 228 12.37 -23.57 -25.17
C GLY A 228 11.87 -22.35 -25.88
N TYR A 229 11.88 -21.23 -25.18
CA TYR A 229 11.29 -20.01 -25.70
C TYR A 229 11.78 -18.85 -24.91
N TYR A 230 11.51 -17.64 -25.40
CA TYR A 230 11.86 -16.45 -24.64
C TYR A 230 10.56 -15.86 -24.07
N ILE A 231 10.66 -15.30 -22.86
CA ILE A 231 9.60 -14.50 -22.28
C ILE A 231 10.17 -13.12 -22.07
N CYS A 232 9.47 -12.09 -22.55
CA CYS A 232 10.02 -10.74 -22.66
C CYS A 232 9.08 -9.77 -22.02
N LEU A 233 9.66 -8.67 -21.53
CA LEU A 233 8.87 -7.55 -21.07
C LEU A 233 9.29 -6.36 -21.88
N VAL A 234 8.30 -5.55 -22.25
CA VAL A 234 8.51 -4.43 -23.12
C VAL A 234 8.49 -3.14 -22.29
N GLY A 235 9.48 -2.30 -22.47
CA GLY A 235 9.58 -1.04 -21.72
C GLY A 235 9.76 -1.25 -20.23
N SER A 236 9.25 -0.32 -19.45
CA SER A 236 9.34 -0.44 -18.01
C SER A 236 8.19 -1.28 -17.43
N SER A 237 7.15 -1.51 -18.22
CA SER A 237 6.00 -2.28 -17.78
C SER A 237 5.18 -2.83 -18.93
N SER A 238 4.74 -4.07 -18.85
CA SER A 238 3.96 -4.67 -19.93
C SER A 238 3.46 -5.98 -19.45
N GLU A 239 2.59 -6.57 -20.24
CA GLU A 239 2.30 -7.98 -20.11
C GLU A 239 3.44 -8.80 -20.74
N PRO A 240 3.67 -10.02 -20.22
CA PRO A 240 4.70 -10.85 -20.85
C PRO A 240 4.41 -11.17 -22.33
N LEU A 241 5.47 -11.14 -23.13
CA LEU A 241 5.42 -11.43 -24.55
C LEU A 241 6.22 -12.72 -24.78
N TYR A 242 5.55 -13.72 -25.33
CA TYR A 242 6.11 -15.02 -25.63
C TYR A 242 6.79 -14.97 -27.02
N ILE A 243 8.03 -15.43 -27.11
CA ILE A 243 8.77 -15.49 -28.39
C ILE A 243 9.10 -16.96 -28.66
N PRO A 244 8.65 -17.54 -29.78
CA PRO A 244 7.86 -16.84 -30.82
C PRO A 244 6.36 -16.99 -30.72
N THR A 245 5.66 -15.88 -30.92
CA THR A 245 4.23 -15.90 -31.17
C THR A 245 4.10 -15.54 -32.67
N LEU A 246 3.73 -16.51 -33.48
CA LEU A 246 3.97 -16.42 -34.95
C LEU A 246 3.29 -15.26 -35.68
N ASP A 247 2.06 -14.95 -35.28
CA ASP A 247 1.28 -13.87 -35.88
C ASP A 247 1.34 -12.54 -35.11
N ASP A 248 2.25 -12.40 -34.17
CA ASP A 248 2.42 -11.15 -33.42
C ASP A 248 3.58 -10.32 -33.97
N TYR A 249 3.29 -9.11 -34.39
CA TYR A 249 4.27 -8.23 -35.00
C TYR A 249 5.48 -7.92 -34.09
N ARG A 250 5.26 -7.93 -32.80
CA ARG A 250 6.30 -7.63 -31.82
C ARG A 250 7.24 -8.79 -31.64
N SER A 251 6.70 -10.01 -31.64
CA SER A 251 7.50 -11.21 -31.64
C SER A 251 8.40 -11.21 -32.86
N ALA A 252 7.82 -10.92 -34.04
CA ALA A 252 8.59 -10.88 -35.27
C ALA A 252 9.72 -9.86 -35.19
N GLU A 253 9.43 -8.72 -34.62
CA GLU A 253 10.43 -7.70 -34.44
C GLU A 253 11.54 -8.07 -33.50
N VAL A 254 11.20 -8.75 -32.40
CA VAL A 254 12.19 -9.14 -31.43
C VAL A 254 13.09 -10.21 -32.04
N LEU A 255 12.50 -11.18 -32.73
CA LEU A 255 13.26 -12.23 -33.34
C LEU A 255 14.23 -11.69 -34.38
N SER A 256 13.79 -10.75 -35.21
CA SER A 256 14.67 -10.17 -36.22
C SER A 256 15.85 -9.41 -35.57
N ARG A 257 15.58 -8.60 -34.55
CA ARG A 257 16.65 -7.91 -33.84
C ARG A 257 17.58 -8.91 -33.14
N MET A 258 17.04 -10.01 -32.60
CA MET A 258 17.89 -11.08 -32.06
C MET A 258 18.78 -11.68 -33.12
N ALA A 259 18.22 -11.93 -34.31
CA ALA A 259 18.96 -12.54 -35.38
C ALA A 259 20.11 -11.68 -35.87
N PHE A 260 19.95 -10.35 -35.86
CA PHE A 260 21.02 -9.44 -36.28
C PHE A 260 21.97 -9.03 -35.12
N ALA A 261 21.48 -9.03 -33.87
CA ALA A 261 22.30 -8.74 -32.70
C ALA A 261 22.09 -9.84 -31.65
N PRO A 262 22.70 -11.01 -31.87
CA PRO A 262 22.49 -12.14 -31.00
C PRO A 262 23.02 -12.01 -29.58
N HIS A 263 23.91 -11.06 -29.30
CA HIS A 263 24.34 -10.76 -27.90
C HIS A 263 23.71 -9.49 -27.33
N GLY A 264 22.62 -9.02 -27.93
CA GLY A 264 21.90 -7.84 -27.45
C GLY A 264 22.40 -6.55 -28.09
N GLU A 265 21.71 -5.46 -27.77
CA GLU A 265 21.95 -4.14 -28.36
C GLU A 265 22.30 -3.15 -27.26
N ASP A 266 23.15 -2.17 -27.58
CA ASP A 266 23.55 -1.07 -26.65
C ASP A 266 24.00 0.20 -27.39
N ALA A 276 38.29 -0.63 -23.52
CA ALA A 276 37.71 -1.16 -24.74
C ALA A 276 37.98 -2.66 -24.85
N MET A 277 37.01 -3.39 -25.40
CA MET A 277 37.11 -4.84 -25.53
C MET A 277 38.03 -5.19 -26.69
N ARG A 278 38.96 -6.11 -26.46
CA ARG A 278 40.00 -6.47 -27.43
C ARG A 278 39.88 -7.95 -27.84
N ILE A 279 39.64 -8.19 -29.13
CA ILE A 279 39.46 -9.52 -29.67
C ILE A 279 40.81 -10.19 -29.94
N ILE A 280 40.94 -11.45 -29.53
CA ILE A 280 42.20 -12.18 -29.56
C ILE A 280 42.16 -13.29 -30.59
N GLY A 281 41.08 -14.08 -30.63
CA GLY A 281 40.96 -15.11 -31.65
C GLY A 281 39.92 -16.18 -31.37
N LYS A 282 39.81 -17.11 -32.32
CA LYS A 282 38.83 -18.20 -32.23
C LYS A 282 39.23 -19.30 -31.24
N VAL A 283 38.27 -19.74 -30.43
CA VAL A 283 38.48 -20.83 -29.50
C VAL A 283 37.35 -21.85 -29.57
N THR A 284 37.68 -23.07 -29.19
CA THR A 284 36.72 -24.14 -29.13
C THR A 284 36.81 -24.83 -27.80
N GLY A 285 35.82 -25.65 -27.48
CA GLY A 285 35.84 -26.37 -26.21
C GLY A 285 34.79 -27.43 -26.11
N LYS A 286 34.82 -28.14 -24.99
CA LYS A 286 33.92 -29.25 -24.72
C LYS A 286 32.86 -28.91 -23.69
N ALA A 287 31.60 -28.95 -24.11
CA ALA A 287 30.47 -28.69 -23.23
C ALA A 287 29.42 -29.76 -23.44
N PRO A 288 29.13 -30.58 -22.41
CA PRO A 288 29.83 -30.55 -21.11
C PRO A 288 31.28 -31.05 -21.26
N SER A 289 32.08 -30.86 -20.21
CA SER A 289 33.50 -31.21 -20.24
C SER A 289 33.77 -32.68 -20.49
N THR A 290 32.78 -33.53 -20.17
CA THR A 290 32.84 -34.96 -20.44
C THR A 290 32.72 -35.37 -21.92
N GLU A 291 32.39 -34.44 -22.82
CA GLU A 291 32.39 -34.74 -24.26
C GLU A 291 33.80 -35.03 -24.78
N SER A 292 33.92 -35.95 -25.71
CA SER A 292 35.22 -36.36 -26.22
C SER A 292 35.74 -35.36 -27.27
N SER A 293 34.82 -34.71 -27.98
CA SER A 293 35.15 -33.70 -28.98
C SER A 293 34.48 -32.39 -28.67
N ASP A 294 34.93 -31.35 -29.35
CA ASP A 294 34.43 -30.00 -29.16
C ASP A 294 32.99 -29.82 -29.61
N THR A 295 32.21 -29.15 -28.77
CA THR A 295 30.78 -28.92 -29.01
C THR A 295 30.40 -27.45 -28.99
N ILE A 296 31.38 -26.59 -28.79
CA ILE A 296 31.13 -25.14 -28.70
C ILE A 296 32.32 -24.36 -29.26
N GLN A 297 32.04 -23.20 -29.84
CA GLN A 297 33.09 -22.29 -30.28
C GLN A 297 32.73 -20.86 -29.91
N GLY A 298 33.70 -19.98 -30.08
CA GLY A 298 33.51 -18.59 -29.76
C GLY A 298 34.75 -17.80 -30.06
N VAL A 299 34.76 -16.57 -29.57
CA VAL A 299 35.89 -15.66 -29.74
C VAL A 299 36.38 -15.21 -28.39
N ALA A 300 37.65 -15.52 -28.13
CA ALA A 300 38.32 -15.08 -26.93
C ALA A 300 38.58 -13.59 -27.01
N PHE A 301 38.42 -12.91 -25.88
CA PHE A 301 38.75 -11.52 -25.79
C PHE A 301 39.37 -11.19 -24.42
N SER A 302 39.95 -10.00 -24.37
CA SER A 302 40.39 -9.40 -23.12
C SER A 302 39.90 -7.97 -23.05
N GLY A 303 39.96 -7.41 -21.85
CA GLY A 303 39.53 -6.07 -21.61
C GLY A 303 38.17 -6.12 -20.96
N ASN A 304 37.46 -5.02 -21.12
CA ASN A 304 36.22 -4.83 -20.41
C ASN A 304 35.15 -5.76 -20.92
N PRO A 305 34.53 -6.52 -20.01
CA PRO A 305 33.43 -7.37 -20.44
C PRO A 305 32.35 -6.51 -21.08
N LEU A 306 31.77 -6.98 -22.16
CA LEU A 306 30.80 -6.18 -22.88
C LEU A 306 29.44 -6.90 -22.94
N TYR A 307 29.44 -8.12 -23.45
CA TYR A 307 28.23 -8.94 -23.53
C TYR A 307 28.13 -9.86 -22.33
N THR A 308 26.96 -10.44 -22.14
CA THR A 308 26.76 -11.48 -21.16
C THR A 308 27.59 -12.71 -21.56
N SER A 309 27.93 -13.53 -20.57
CA SER A 309 28.80 -14.68 -20.75
C SER A 309 28.05 -15.98 -20.48
N THR A 310 26.71 -15.96 -20.55
CA THR A 310 25.91 -17.15 -20.27
C THR A 310 25.01 -17.51 -21.46
N GLY A 311 24.84 -18.81 -21.69
CA GLY A 311 23.93 -19.29 -22.71
C GLY A 311 23.69 -20.78 -22.62
N VAL A 312 23.02 -21.30 -23.63
CA VAL A 312 22.73 -22.72 -23.77
C VAL A 312 23.16 -23.17 -25.16
N LEU A 313 23.68 -24.39 -25.27
CA LEU A 313 23.90 -25.01 -26.56
C LEU A 313 22.60 -25.20 -27.30
N THR A 314 22.57 -24.86 -28.58
CA THR A 314 21.35 -25.06 -29.38
C THR A 314 21.17 -26.52 -29.79
N ALA A 315 22.26 -27.30 -29.77
CA ALA A 315 22.26 -28.67 -30.27
C ALA A 315 21.51 -29.66 -29.41
N LYS A 316 21.45 -29.45 -28.10
CA LYS A 316 20.85 -30.47 -27.22
C LYS A 316 19.46 -30.08 -26.75
N ASP A 317 18.50 -30.97 -26.99
CA ASP A 317 17.14 -30.90 -26.46
C ASP A 317 17.13 -30.54 -24.98
N ASP A 318 17.86 -31.35 -24.20
CA ASP A 318 18.11 -31.10 -22.80
C ASP A 318 19.16 -30.00 -22.72
N PRO A 319 18.85 -28.89 -22.04
CA PRO A 319 19.75 -27.74 -22.02
C PRO A 319 21.13 -28.01 -21.40
N VAL A 320 22.18 -27.63 -22.12
CA VAL A 320 23.53 -27.60 -21.60
C VAL A 320 23.88 -26.14 -21.39
N TYR A 321 23.92 -25.72 -20.13
CA TYR A 321 24.15 -24.32 -19.79
C TYR A 321 25.64 -24.04 -19.73
N ILE A 322 26.03 -22.90 -20.26
CA ILE A 322 27.43 -22.51 -20.38
C ILE A 322 27.67 -21.17 -19.75
N TRP A 323 28.76 -21.09 -19.00
CA TRP A 323 29.31 -19.87 -18.51
C TRP A 323 30.72 -19.75 -19.07
N ALA A 324 30.97 -18.73 -19.89
CA ALA A 324 32.21 -18.62 -20.63
C ALA A 324 32.90 -17.28 -20.44
N PRO A 325 33.56 -17.12 -19.29
CA PRO A 325 34.19 -15.84 -19.02
C PRO A 325 35.37 -15.61 -19.93
N GLY A 326 35.44 -14.42 -20.50
CA GLY A 326 36.49 -14.06 -21.45
C GLY A 326 36.27 -14.59 -22.86
N ILE A 327 35.10 -15.15 -23.14
CA ILE A 327 34.78 -15.69 -24.47
C ILE A 327 33.39 -15.23 -24.91
N ILE A 328 33.29 -14.65 -26.11
CA ILE A 328 32.00 -14.40 -26.73
C ILE A 328 31.58 -15.70 -27.41
N MET A 329 30.67 -16.45 -26.78
CA MET A 329 30.24 -17.73 -27.33
C MET A 329 29.47 -17.52 -28.67
N GLU A 330 29.61 -18.48 -29.57
CA GLU A 330 29.04 -18.36 -30.92
C GLU A 330 27.53 -18.22 -30.81
N GLY A 331 27.00 -17.10 -31.26
CA GLY A 331 25.56 -16.89 -31.36
C GLY A 331 25.03 -16.56 -32.76
N ASN A 332 25.91 -16.57 -33.76
CA ASN A 332 25.52 -16.28 -35.15
C ASN A 332 24.62 -17.41 -35.64
N HIS A 333 23.36 -17.07 -35.93
CA HIS A 333 22.34 -18.05 -36.34
C HIS A 333 22.54 -18.66 -37.73
N SER A 334 23.33 -17.99 -38.58
CA SER A 334 23.70 -18.54 -39.90
C SER A 334 24.65 -19.75 -39.83
N VAL A 335 25.33 -19.93 -38.71
CA VAL A 335 26.21 -21.08 -38.48
C VAL A 335 25.35 -22.28 -38.06
N CYS A 336 25.80 -23.49 -38.37
CA CYS A 336 25.03 -24.70 -38.02
C CYS A 336 25.46 -25.33 -36.71
N ASP A 337 26.76 -25.44 -36.51
CA ASP A 337 27.30 -26.20 -35.38
C ASP A 337 27.88 -25.30 -34.30
N LYS A 338 27.93 -25.86 -33.09
CA LYS A 338 28.68 -25.29 -31.98
C LYS A 338 28.18 -23.92 -31.50
N LYS A 339 26.90 -23.65 -31.72
CA LYS A 339 26.33 -22.35 -31.43
C LYS A 339 25.45 -22.38 -30.19
N THR A 340 25.07 -21.18 -29.74
CA THR A 340 24.37 -20.99 -28.50
C THR A 340 23.28 -19.96 -28.60
N LEU A 341 22.40 -19.98 -27.59
CA LEU A 341 21.40 -18.93 -27.34
C LEU A 341 21.71 -18.30 -26.00
N PRO A 342 21.59 -16.98 -25.91
CA PRO A 342 21.90 -16.34 -24.64
C PRO A 342 20.77 -16.50 -23.62
N LEU A 343 21.13 -16.52 -22.34
CA LEU A 343 20.16 -16.66 -21.24
C LEU A 343 19.26 -15.46 -21.09
N THR A 344 19.83 -14.27 -21.25
CA THR A 344 19.08 -13.03 -21.28
C THR A 344 19.47 -12.24 -22.52
N TRP A 345 18.59 -11.35 -22.95
CA TRP A 345 18.77 -10.58 -24.17
C TRP A 345 18.07 -9.25 -24.00
N THR A 346 18.80 -8.17 -24.25
CA THR A 346 18.30 -6.82 -24.12
C THR A 346 18.50 -6.14 -25.48
N GLY A 347 17.42 -5.56 -25.99
CA GLY A 347 17.46 -4.81 -27.24
C GLY A 347 16.32 -3.82 -27.36
N PHE A 348 16.12 -3.31 -28.56
CA PHE A 348 15.14 -2.26 -28.82
C PHE A 348 14.33 -2.59 -30.06
N ILE A 349 13.03 -2.33 -30.01
CA ILE A 349 12.15 -2.47 -31.16
C ILE A 349 11.28 -1.23 -31.33
N PRO A 350 10.97 -0.87 -32.60
CA PRO A 350 10.04 0.22 -32.86
C PRO A 350 8.60 -0.24 -32.64
N LEU A 351 7.81 0.56 -31.92
CA LEU A 351 6.39 0.29 -31.75
C LEU A 351 5.54 1.40 -32.35
N PRO A 352 4.47 1.03 -33.06
CA PRO A 352 3.50 2.01 -33.50
C PRO A 352 2.54 2.35 -32.36
N GLY A 353 2.14 3.62 -32.29
CA GLY A 353 1.23 4.10 -31.26
C GLY A 353 0.98 5.60 -31.33
N GLU A 354 0.78 6.24 -30.19
CA GLU A 354 0.46 7.67 -30.11
C GLU A 354 1.29 8.36 -29.03
N ILE A 355 1.99 9.43 -29.39
CA ILE A 355 2.86 10.21 -28.48
C ILE A 355 2.15 11.08 -27.41
N GLU A 356 0.98 11.63 -27.72
CA GLU A 356 0.23 12.51 -26.78
C GLU A 356 1.02 13.78 -26.40
N THR B 2 -24.19 33.29 11.95
CA THR B 2 -24.30 31.98 11.26
C THR B 2 -22.99 31.18 11.29
N GLY B 3 -22.98 30.01 11.92
CA GLY B 3 -21.85 29.07 11.86
C GLY B 3 -21.82 28.38 10.51
N GLU B 4 -20.72 27.68 10.22
CA GLU B 4 -20.59 26.92 8.97
C GLU B 4 -20.23 25.43 9.22
N LEU B 5 -21.10 24.54 8.77
CA LEU B 5 -20.82 23.11 8.84
C LEU B 5 -20.56 22.63 7.41
N LYS B 6 -19.29 22.33 7.13
CA LYS B 6 -18.88 21.88 5.80
C LYS B 6 -18.99 20.40 5.66
N ILE B 7 -19.56 19.96 4.54
CA ILE B 7 -19.55 18.56 4.17
C ILE B 7 -18.73 18.47 2.89
N GLU B 8 -17.70 17.63 2.93
CA GLU B 8 -16.90 17.32 1.79
C GLU B 8 -17.55 16.12 1.07
N CYS B 9 -18.02 16.37 -0.15
CA CYS B 9 -18.72 15.37 -0.99
C CYS B 9 -17.76 14.64 -1.96
N PRO B 10 -17.76 13.30 -1.93
CA PRO B 10 -16.92 12.57 -2.90
C PRO B 10 -17.49 12.65 -4.30
N HIS B 11 -16.67 12.33 -5.30
CA HIS B 11 -17.11 12.31 -6.71
C HIS B 11 -18.15 11.23 -7.02
N THR B 12 -18.01 10.06 -6.39
CA THR B 12 -18.96 8.95 -6.53
C THR B 12 -19.47 8.43 -5.19
N ILE B 13 -20.57 7.67 -5.23
CA ILE B 13 -21.08 6.95 -4.05
C ILE B 13 -20.23 5.70 -3.79
N GLY B 14 -19.89 4.96 -4.85
CA GLY B 14 -19.03 3.77 -4.75
C GLY B 14 -19.73 2.58 -4.14
N LEU B 15 -19.12 1.98 -3.12
CA LEU B 15 -19.56 0.69 -2.56
C LEU B 15 -20.79 0.77 -1.62
N GLY B 16 -21.43 1.93 -1.53
CA GLY B 16 -22.77 2.03 -0.93
C GLY B 16 -22.89 2.27 0.57
N GLN B 17 -21.90 1.84 1.37
CA GLN B 17 -22.02 1.87 2.87
C GLN B 17 -21.34 3.08 3.60
N GLY B 18 -20.83 4.04 2.84
CA GLY B 18 -20.11 5.19 3.38
C GLY B 18 -21.06 6.26 3.86
N LEU B 19 -20.59 7.07 4.81
CA LEU B 19 -21.35 8.17 5.29
C LEU B 19 -20.50 9.42 5.19
N VAL B 20 -21.14 10.59 5.02
CA VAL B 20 -20.46 11.87 5.18
C VAL B 20 -20.62 12.31 6.62
N ILE B 21 -19.66 13.07 7.12
CA ILE B 21 -19.72 13.65 8.45
C ILE B 21 -19.15 15.03 8.43
N GLY B 22 -19.75 15.93 9.20
CA GLY B 22 -19.18 17.25 9.46
C GLY B 22 -19.53 17.71 10.85
N SER B 23 -18.86 18.76 11.33
CA SER B 23 -19.13 19.21 12.70
C SER B 23 -18.64 20.61 12.87
N VAL B 24 -19.29 21.36 13.75
CA VAL B 24 -18.89 22.72 14.02
C VAL B 24 -19.13 23.04 15.48
N GLU B 25 -18.19 23.76 16.09
CA GLU B 25 -18.34 24.23 17.48
C GLU B 25 -18.89 25.64 17.45
N LEU B 26 -20.02 25.87 18.10
CA LEU B 26 -20.68 27.17 18.13
C LEU B 26 -20.20 28.04 19.29
N PRO B 27 -20.57 29.34 19.27
CA PRO B 27 -20.21 30.22 20.38
C PRO B 27 -20.88 29.87 21.73
N PRO B 28 -20.34 30.42 22.83
CA PRO B 28 -20.85 30.11 24.17
C PRO B 28 -22.24 30.61 24.41
N VAL B 29 -23.04 29.83 25.11
CA VAL B 29 -24.38 30.14 25.50
C VAL B 29 -24.43 29.97 27.03
N PRO B 30 -25.25 30.77 27.76
CA PRO B 30 -25.38 30.58 29.24
C PRO B 30 -25.94 29.21 29.64
N LEU B 31 -25.58 28.70 30.81
CA LEU B 31 -26.03 27.34 31.22
C LEU B 31 -27.55 27.17 31.28
N THR B 32 -28.22 28.19 31.80
CA THR B 32 -29.68 28.15 31.95
C THR B 32 -30.39 27.90 30.62
N GLN B 33 -29.79 28.35 29.52
CA GLN B 33 -30.32 28.09 28.18
C GLN B 33 -30.06 26.71 27.59
N VAL B 34 -29.15 25.93 28.19
CA VAL B 34 -28.75 24.64 27.65
C VAL B 34 -29.88 23.61 27.70
N GLU B 35 -30.62 23.58 28.81
CA GLU B 35 -31.76 22.64 28.95
C GLU B 35 -32.89 22.91 27.94
N SER B 36 -32.96 24.13 27.39
CA SER B 36 -33.93 24.49 26.34
C SER B 36 -33.48 24.26 24.89
N LEU B 37 -32.23 23.89 24.67
CA LEU B 37 -31.70 23.78 23.31
C LEU B 37 -32.35 22.64 22.52
N LYS B 38 -32.87 22.99 21.35
CA LYS B 38 -33.48 22.05 20.41
C LYS B 38 -32.82 22.25 19.04
N LEU B 39 -32.40 21.16 18.39
CA LEU B 39 -31.96 21.24 16.99
C LEU B 39 -33.17 21.34 16.09
N GLU B 40 -33.22 22.37 15.25
CA GLU B 40 -34.23 22.48 14.21
C GLU B 40 -33.51 22.25 12.89
N SER B 41 -34.22 21.72 11.91
CA SER B 41 -33.65 21.53 10.55
C SER B 41 -34.63 21.97 9.49
N SER B 42 -34.12 22.71 8.50
CA SER B 42 -34.85 22.95 7.27
C SER B 42 -34.31 22.07 6.12
N CYS B 43 -33.45 21.10 6.42
CA CYS B 43 -32.76 20.35 5.37
C CYS B 43 -33.66 19.26 4.80
N ASN B 44 -33.44 18.93 3.53
CA ASN B 44 -34.21 17.87 2.81
C ASN B 44 -33.55 16.50 3.01
N PHE B 45 -33.52 16.08 4.27
CA PHE B 45 -33.02 14.76 4.62
C PHE B 45 -33.87 14.15 5.73
N ASP B 46 -33.67 12.85 5.95
CA ASP B 46 -34.52 12.08 6.85
C ASP B 46 -33.85 11.95 8.23
N LEU B 47 -34.14 12.91 9.11
CA LEU B 47 -33.62 12.93 10.47
C LEU B 47 -34.04 11.72 11.30
N HIS B 48 -33.05 11.05 11.87
CA HIS B 48 -33.30 10.03 12.87
C HIS B 48 -33.78 10.73 14.16
N THR B 49 -34.85 10.23 14.75
CA THR B 49 -35.54 10.90 15.85
C THR B 49 -34.92 10.60 17.22
N SER B 50 -34.11 9.55 17.30
CA SER B 50 -33.47 9.08 18.55
C SER B 50 -32.90 10.18 19.45
N THR B 51 -32.06 11.04 18.87
CA THR B 51 -31.26 11.98 19.67
C THR B 51 -32.06 13.14 20.28
N SER B 52 -33.20 13.49 19.66
CA SER B 52 -34.07 14.54 20.18
C SER B 52 -35.03 14.11 21.34
N SER B 53 -35.04 12.82 21.70
CA SER B 53 -35.76 12.35 22.89
C SER B 53 -35.07 12.75 24.22
N GLN B 54 -35.81 12.63 25.32
CA GLN B 54 -35.32 13.00 26.65
C GLN B 54 -34.36 11.96 27.16
N GLN B 55 -33.26 12.40 27.75
CA GLN B 55 -32.18 11.49 28.13
C GLN B 55 -31.66 11.89 29.53
N PRO B 56 -31.75 10.96 30.50
CA PRO B 56 -31.39 11.28 31.88
C PRO B 56 -29.87 11.39 32.14
N PHE B 57 -29.47 12.54 32.69
CA PHE B 57 -28.13 12.86 33.05
C PHE B 57 -28.07 13.27 34.53
N THR B 58 -26.93 13.02 35.15
CA THR B 58 -26.63 13.60 36.39
C THR B 58 -25.85 14.85 36.08
N LYS B 59 -26.35 16.01 36.53
CA LYS B 59 -25.61 17.27 36.47
C LYS B 59 -24.74 17.48 37.68
N TRP B 60 -23.44 17.66 37.47
CA TRP B 60 -22.45 17.76 38.53
C TRP B 60 -21.73 19.10 38.34
N THR B 61 -21.78 19.97 39.36
CA THR B 61 -21.30 21.35 39.30
C THR B 61 -20.44 21.72 40.51
N TRP B 62 -19.58 22.71 40.38
CA TRP B 62 -18.75 23.16 41.52
C TRP B 62 -18.89 24.65 41.80
N GLU B 63 -18.72 25.04 43.07
CA GLU B 63 -18.70 26.46 43.55
C GLU B 63 -17.52 26.68 44.48
N MET B 64 -16.90 27.85 44.43
CA MET B 64 -15.93 28.19 45.46
C MET B 64 -16.59 28.29 46.84
N LYS B 65 -15.88 27.80 47.86
CA LYS B 65 -16.34 27.85 49.25
C LYS B 65 -15.19 28.25 50.17
N SER B 66 -15.51 28.81 51.34
CA SER B 66 -14.53 29.01 52.43
C SER B 66 -15.25 29.08 53.76
N SER B 78 -10.84 25.73 48.54
CA SER B 78 -11.93 24.81 48.86
C SER B 78 -13.17 24.87 47.91
N PHE B 79 -13.81 23.73 47.74
CA PHE B 79 -14.87 23.55 46.77
C PHE B 79 -16.09 23.00 47.44
N GLN B 80 -17.23 23.40 46.93
CA GLN B 80 -18.47 22.73 47.20
C GLN B 80 -18.91 22.22 45.85
N THR B 81 -19.13 20.91 45.75
CA THR B 81 -19.78 20.35 44.58
C THR B 81 -21.20 19.96 44.92
N LYS B 82 -22.05 19.82 43.93
CA LYS B 82 -23.34 19.20 44.13
C LYS B 82 -23.79 18.50 42.85
N SER B 83 -24.82 17.65 42.98
CA SER B 83 -25.38 16.97 41.82
C SER B 83 -26.87 16.73 41.92
N SER B 84 -27.49 16.57 40.75
CA SER B 84 -28.90 16.22 40.64
C SER B 84 -29.18 15.54 39.28
N GLU B 85 -30.32 14.86 39.20
CA GLU B 85 -30.73 14.19 37.99
C GLU B 85 -31.65 15.09 37.17
N ILE B 86 -31.33 15.25 35.89
CA ILE B 86 -32.09 16.06 34.96
C ILE B 86 -32.19 15.32 33.66
N ASN B 87 -33.07 15.81 32.78
CA ASN B 87 -33.22 15.27 31.44
C ASN B 87 -32.69 16.28 30.45
N LEU B 88 -31.85 15.85 29.54
CA LEU B 88 -31.37 16.68 28.43
C LEU B 88 -31.98 16.12 27.17
N ARG B 89 -32.04 16.93 26.10
CA ARG B 89 -32.40 16.40 24.78
C ARG B 89 -31.41 16.89 23.73
N GLY B 90 -31.31 16.12 22.67
CA GLY B 90 -30.50 16.48 21.52
C GLY B 90 -29.03 16.07 21.60
N LEU B 91 -28.58 15.54 22.71
CA LEU B 91 -27.18 15.16 22.82
C LEU B 91 -26.87 13.93 21.99
N CYS B 92 -25.60 13.78 21.63
CA CYS B 92 -25.12 12.64 20.87
C CYS B 92 -25.04 11.36 21.72
N LEU B 93 -26.20 10.80 22.03
CA LEU B 93 -26.37 9.48 22.61
C LEU B 93 -27.07 8.66 21.55
N VAL B 94 -26.28 7.98 20.75
CA VAL B 94 -26.79 7.35 19.58
C VAL B 94 -27.03 5.90 19.98
N PRO B 95 -28.21 5.34 19.62
CA PRO B 95 -28.43 3.95 19.94
C PRO B 95 -27.58 3.02 19.10
N PRO B 96 -27.36 1.79 19.59
CA PRO B 96 -26.67 0.80 18.76
C PRO B 96 -27.33 0.62 17.38
N LEU B 97 -26.49 0.37 16.37
CA LEU B 97 -26.88 0.11 14.97
C LEU B 97 -27.32 1.32 14.15
N VAL B 98 -27.59 2.45 14.78
CA VAL B 98 -28.13 3.60 14.05
C VAL B 98 -27.12 4.16 13.04
N ILE B 99 -25.90 4.45 13.51
CA ILE B 99 -24.84 4.91 12.60
C ILE B 99 -24.41 3.78 11.66
N GLU B 100 -24.27 2.58 12.19
CA GLU B 100 -23.79 1.44 11.40
C GLU B 100 -24.67 1.14 10.18
N THR B 101 -25.97 1.34 10.30
CA THR B 101 -26.89 1.04 9.22
C THR B 101 -27.49 2.27 8.52
N ALA B 102 -26.95 3.46 8.79
CA ALA B 102 -27.50 4.70 8.27
C ALA B 102 -27.42 4.79 6.74
N ALA B 103 -26.38 4.20 6.15
CA ALA B 103 -26.26 4.17 4.71
C ALA B 103 -27.40 3.38 4.07
N ARG B 104 -27.86 2.31 4.72
CA ARG B 104 -28.93 1.45 4.24
C ARG B 104 -30.32 2.02 4.57
N THR B 105 -30.49 2.54 5.78
CA THR B 105 -31.76 3.15 6.18
C THR B 105 -31.98 4.54 5.60
N ARG B 106 -30.92 5.18 5.12
CA ARG B 106 -30.99 6.54 4.61
C ARG B 106 -31.35 7.56 5.67
N LYS B 107 -30.93 7.30 6.90
CA LYS B 107 -31.17 8.22 8.00
C LYS B 107 -29.98 9.13 8.25
N THR B 108 -30.27 10.35 8.66
CA THR B 108 -29.31 11.37 8.96
C THR B 108 -29.34 11.54 10.49
N ILE B 109 -28.16 11.60 11.11
CA ILE B 109 -28.00 11.83 12.54
C ILE B 109 -27.51 13.26 12.70
N ALA B 110 -28.25 14.05 13.46
CA ALA B 110 -27.84 15.40 13.83
C ALA B 110 -28.03 15.55 15.32
N CYS B 111 -26.95 15.87 16.02
CA CYS B 111 -26.95 15.93 17.47
C CYS B 111 -25.85 16.90 17.91
N PHE B 112 -25.80 17.25 19.20
CA PHE B 112 -24.67 18.06 19.70
C PHE B 112 -24.03 17.47 20.96
N ASP B 113 -22.75 17.77 21.18
CA ASP B 113 -22.12 17.55 22.49
C ASP B 113 -21.89 18.95 23.12
N LEU B 114 -21.55 19.00 24.42
CA LEU B 114 -21.43 20.27 25.17
C LEU B 114 -20.06 20.37 25.78
N SER B 115 -19.43 21.52 25.62
CA SER B 115 -18.14 21.82 26.23
C SER B 115 -18.38 23.06 27.06
N CYS B 116 -18.26 22.92 28.37
CA CYS B 116 -18.78 23.90 29.31
C CYS B 116 -17.79 24.28 30.41
N ASN B 117 -17.84 25.53 30.83
CA ASN B 117 -17.27 25.93 32.12
C ASN B 117 -18.45 26.10 33.08
N GLN B 118 -18.25 26.70 34.25
CA GLN B 118 -19.35 26.86 35.23
C GLN B 118 -20.56 27.62 34.72
N THR B 119 -20.33 28.62 33.87
CA THR B 119 -21.37 29.57 33.47
C THR B 119 -21.85 29.48 32.02
N ALA B 120 -21.03 28.94 31.13
CA ALA B 120 -21.38 28.87 29.71
C ALA B 120 -21.00 27.53 29.04
N CYS B 121 -21.73 27.18 27.98
CA CYS B 121 -21.50 25.99 27.16
C CYS B 121 -21.35 26.31 25.67
N GLN B 122 -20.36 25.71 25.03
CA GLN B 122 -20.23 25.71 23.59
C GLN B 122 -20.75 24.38 23.02
N PRO B 123 -21.91 24.41 22.34
CA PRO B 123 -22.34 23.19 21.69
C PRO B 123 -21.48 22.90 20.47
N THR B 124 -21.18 21.63 20.25
CA THR B 124 -20.53 21.19 19.04
C THR B 124 -21.62 20.39 18.34
N VAL B 125 -21.99 20.82 17.14
CA VAL B 125 -23.01 20.12 16.36
C VAL B 125 -22.35 19.13 15.41
N PHE B 126 -22.84 17.89 15.41
CA PHE B 126 -22.36 16.84 14.53
C PHE B 126 -23.47 16.45 13.56
N LEU B 127 -23.13 16.33 12.28
CA LEU B 127 -24.09 15.91 11.28
C LEU B 127 -23.49 14.74 10.50
N ILE B 128 -24.19 13.62 10.48
CA ILE B 128 -23.73 12.39 9.85
C ILE B 128 -24.87 11.87 8.99
N GLY B 129 -24.56 11.42 7.79
CA GLY B 129 -25.62 10.93 6.93
C GLY B 129 -25.19 10.27 5.66
N PRO B 130 -26.16 9.79 4.89
CA PRO B 130 -25.78 9.09 3.65
C PRO B 130 -25.16 10.01 2.59
N ILE B 131 -24.28 9.42 1.80
CA ILE B 131 -23.55 10.14 0.79
C ILE B 131 -24.52 10.67 -0.28
N GLN B 132 -25.70 10.07 -0.44
CA GLN B 132 -26.73 10.52 -1.38
C GLN B 132 -27.19 11.96 -1.10
N THR B 133 -27.05 12.42 0.14
CA THR B 133 -27.40 13.80 0.51
C THR B 133 -26.69 14.81 -0.38
N CYS B 134 -25.45 14.48 -0.74
CA CYS B 134 -24.64 15.24 -1.68
C CYS B 134 -25.27 15.43 -3.09
N ILE B 135 -26.15 14.50 -3.50
CA ILE B 135 -26.91 14.64 -4.75
C ILE B 135 -28.11 15.57 -4.53
N THR B 136 -28.77 15.45 -3.38
CA THR B 136 -29.99 16.20 -3.15
C THR B 136 -29.82 17.61 -2.65
N THR B 137 -28.65 17.97 -2.16
CA THR B 137 -28.51 19.16 -1.30
C THR B 137 -27.19 19.88 -1.55
N LYS B 138 -27.29 21.18 -1.82
CA LYS B 138 -26.11 22.09 -1.88
C LYS B 138 -25.89 22.82 -0.54
N SER B 139 -26.95 23.35 0.02
CA SER B 139 -26.90 23.99 1.33
C SER B 139 -28.25 23.96 1.99
N CYS B 140 -28.23 23.99 3.32
CA CYS B 140 -29.45 24.05 4.09
C CYS B 140 -29.12 24.59 5.49
N LEU B 141 -30.14 24.72 6.34
CA LEU B 141 -30.00 25.40 7.63
C LEU B 141 -30.40 24.53 8.79
N LEU B 142 -29.57 24.56 9.82
CA LEU B 142 -29.94 24.04 11.11
C LEU B 142 -29.99 25.23 12.07
N GLY B 143 -30.85 25.12 13.06
CA GLY B 143 -30.90 26.07 14.14
C GLY B 143 -30.68 25.37 15.46
N LEU B 144 -30.00 26.06 16.35
CA LEU B 144 -29.81 25.62 17.72
C LEU B 144 -29.90 26.83 18.62
N GLY B 145 -30.98 26.86 19.42
CA GLY B 145 -31.36 28.01 20.21
C GLY B 145 -31.48 29.21 19.30
N ASP B 146 -30.58 30.17 19.50
CA ASP B 146 -30.55 31.42 18.77
C ASP B 146 -29.49 31.49 17.65
N GLN B 147 -28.80 30.38 17.41
CA GLN B 147 -27.77 30.31 16.38
C GLN B 147 -28.28 29.58 15.15
N ARG B 148 -27.89 30.10 13.99
CA ARG B 148 -28.19 29.48 12.72
C ARG B 148 -26.93 28.84 12.23
N ILE B 149 -27.06 27.66 11.62
CA ILE B 149 -25.94 26.92 11.07
C ILE B 149 -26.18 26.65 9.59
N GLN B 150 -25.26 27.14 8.78
CA GLN B 150 -25.27 26.94 7.35
C GLN B 150 -24.49 25.65 7.08
N VAL B 151 -25.19 24.64 6.60
CA VAL B 151 -24.56 23.42 6.11
C VAL B 151 -24.27 23.64 4.63
N ASN B 152 -23.01 23.47 4.24
CA ASN B 152 -22.57 23.63 2.85
CA ASN B 152 -22.59 23.63 2.84
C ASN B 152 -21.98 22.31 2.36
N TYR B 153 -22.60 21.75 1.33
CA TYR B 153 -22.12 20.53 0.71
C TYR B 153 -21.28 20.98 -0.46
N GLU B 154 -20.03 20.56 -0.48
CA GLU B 154 -19.07 21.02 -1.46
C GLU B 154 -18.34 19.83 -2.05
N LYS B 155 -18.18 19.82 -3.37
CA LYS B 155 -17.46 18.75 -4.02
C LYS B 155 -16.01 18.86 -3.60
N THR B 156 -15.38 17.72 -3.49
CA THR B 156 -14.01 17.64 -3.05
C THR B 156 -13.08 18.18 -4.13
N TYR B 157 -12.08 18.97 -3.67
CA TYR B 157 -10.96 19.43 -4.52
C TYR B 157 -10.10 18.30 -5.11
N CYS B 158 -10.14 17.12 -4.48
CA CYS B 158 -9.28 15.99 -4.85
C CYS B 158 -9.91 15.12 -5.93
N VAL B 159 -9.09 14.30 -6.56
CA VAL B 159 -9.56 13.45 -7.65
C VAL B 159 -10.27 12.25 -7.05
N SER B 160 -9.62 11.60 -6.11
CA SER B 160 -10.16 10.42 -5.44
C SER B 160 -10.20 10.46 -3.89
N GLY B 161 -9.39 11.30 -3.25
CA GLY B 161 -9.21 11.25 -1.79
C GLY B 161 -9.92 12.43 -1.14
N GLN B 162 -9.32 12.91 -0.05
CA GLN B 162 -9.88 13.95 0.78
C GLN B 162 -8.85 15.01 1.08
N LEU B 163 -9.31 16.23 1.22
CA LEU B 163 -8.42 17.34 1.58
C LEU B 163 -8.06 17.28 3.07
N VAL B 164 -6.80 16.97 3.36
CA VAL B 164 -6.33 16.79 4.73
C VAL B 164 -5.20 17.79 4.95
N GLU B 165 -5.49 18.84 5.72
CA GLU B 165 -4.54 19.94 6.00
C GLU B 165 -3.93 20.54 4.73
N GLY B 166 -4.80 20.79 3.77
CA GLY B 166 -4.38 21.30 2.46
C GLY B 166 -3.69 20.33 1.52
N VAL B 167 -3.82 19.03 1.75
CA VAL B 167 -3.18 18.00 0.90
C VAL B 167 -4.24 16.95 0.51
N CYS B 168 -4.25 16.52 -0.74
CA CYS B 168 -5.20 15.49 -1.18
C CYS B 168 -4.62 14.13 -0.89
N PHE B 169 -5.33 13.34 -0.08
CA PHE B 169 -4.84 12.07 0.43
C PHE B 169 -5.88 10.96 0.26
N ASN B 170 -5.45 9.84 -0.28
CA ASN B 170 -6.30 8.67 -0.43
CA ASN B 170 -6.33 8.66 -0.40
C ASN B 170 -5.72 7.54 0.44
N PRO B 171 -6.42 7.13 1.53
CA PRO B 171 -5.85 6.05 2.36
C PRO B 171 -5.87 4.68 1.67
N VAL B 172 -5.03 3.75 2.15
CA VAL B 172 -5.04 2.37 1.64
C VAL B 172 -6.44 1.79 1.79
N HIS B 173 -6.82 0.88 0.88
CA HIS B 173 -8.00 0.05 1.19
C HIS B 173 -7.62 -0.85 2.38
N THR B 174 -8.40 -0.76 3.46
CA THR B 174 -8.01 -1.38 4.74
C THR B 174 -7.94 -2.90 4.58
N MET B 175 -6.75 -3.46 4.84
CA MET B 175 -6.48 -4.91 4.88
C MET B 175 -6.08 -5.31 6.30
N ALA B 176 -6.34 -6.57 6.68
CA ALA B 176 -5.90 -7.09 7.99
C ALA B 176 -4.37 -7.23 8.08
N LEU B 177 -3.78 -8.06 7.21
CA LEU B 177 -2.35 -8.35 7.19
C LEU B 177 -1.67 -7.77 5.94
N SER B 178 -0.36 -7.54 6.01
CA SER B 178 0.47 -7.36 4.78
C SER B 178 1.98 -7.64 4.96
N TYR B 184 5.03 4.04 0.41
CA TYR B 184 3.97 5.05 0.23
C TYR B 184 3.72 5.92 1.48
N ASP B 185 2.77 6.85 1.39
CA ASP B 185 2.72 8.05 2.22
C ASP B 185 1.93 7.88 3.52
N ILE B 186 2.20 8.74 4.48
CA ILE B 186 1.54 8.70 5.77
C ILE B 186 0.97 10.05 6.13
N VAL B 187 -0.35 10.13 6.32
CA VAL B 187 -1.04 11.39 6.61
C VAL B 187 -1.84 11.21 7.87
N THR B 188 -1.80 12.23 8.72
CA THR B 188 -2.57 12.29 9.92
C THR B 188 -3.99 12.80 9.60
N VAL B 189 -5.00 11.99 9.90
CA VAL B 189 -6.40 12.23 9.55
C VAL B 189 -7.25 12.34 10.81
N MET B 190 -8.32 13.11 10.72
CA MET B 190 -9.30 13.25 11.79
C MET B 190 -10.17 12.00 11.94
N VAL B 191 -10.45 11.65 13.18
CA VAL B 191 -11.40 10.60 13.51
C VAL B 191 -12.37 11.19 14.51
N ARG B 192 -13.66 10.98 14.24
CA ARG B 192 -14.73 11.34 15.19
C ARG B 192 -15.51 10.10 15.62
N CYS B 193 -15.65 9.93 16.93
CA CYS B 193 -16.23 8.73 17.54
C CYS B 193 -17.36 9.06 18.51
N PHE B 194 -18.35 8.21 18.55
CA PHE B 194 -19.50 8.35 19.42
C PHE B 194 -19.62 7.12 20.31
N LEU B 195 -19.82 7.34 21.60
CA LEU B 195 -19.97 6.25 22.56
C LEU B 195 -21.36 5.64 22.53
N ILE B 196 -21.42 4.34 22.34
CA ILE B 196 -22.67 3.61 22.24
C ILE B 196 -22.77 2.62 23.40
N ALA B 197 -23.85 2.70 24.17
CA ALA B 197 -24.15 1.73 25.25
C ALA B 197 -24.79 0.48 24.65
N LYS B 198 -24.15 -0.67 24.90
CA LYS B 198 -24.59 -1.95 24.37
C LYS B 198 -24.16 -3.11 25.29
N LYS B 199 -25.15 -3.78 25.87
CA LYS B 199 -24.95 -4.88 26.77
C LYS B 199 -25.02 -6.21 26.01
N VAL B 200 -24.28 -7.19 26.50
CA VAL B 200 -24.50 -8.59 26.12
C VAL B 200 -24.71 -9.44 27.41
N SER B 201 -25.45 -10.53 27.28
CA SER B 201 -25.97 -11.26 28.46
C SER B 201 -24.90 -12.01 29.28
N THR B 202 -23.83 -12.49 28.64
CA THR B 202 -22.69 -13.12 29.35
C THR B 202 -21.34 -12.75 28.72
N GLY B 203 -20.31 -12.68 29.58
CA GLY B 203 -18.93 -12.45 29.15
C GLY B 203 -18.51 -10.99 29.13
N ASP B 204 -17.31 -10.76 28.59
CA ASP B 204 -16.60 -9.50 28.69
C ASP B 204 -16.28 -8.88 27.31
N SER B 205 -16.90 -9.39 26.24
CA SER B 205 -16.65 -8.87 24.88
C SER B 205 -17.01 -7.38 24.67
N MET B 206 -17.94 -6.84 25.49
CA MET B 206 -18.35 -5.42 25.46
C MET B 206 -17.77 -4.54 26.56
N LYS B 207 -16.87 -5.10 27.38
CA LYS B 207 -16.32 -4.35 28.52
C LYS B 207 -15.22 -3.41 28.05
N LEU B 208 -15.67 -2.29 27.51
CA LEU B 208 -14.78 -1.36 26.85
C LEU B 208 -13.64 -0.86 27.73
N GLU B 209 -13.93 -0.50 28.98
CA GLU B 209 -12.89 0.07 29.86
C GLU B 209 -11.81 -0.97 30.20
N LYS B 210 -12.17 -2.26 30.20
CA LYS B 210 -11.17 -3.32 30.36
C LYS B 210 -10.16 -3.31 29.21
N SER B 211 -10.62 -3.01 28.00
CA SER B 211 -9.73 -2.92 26.86
C SER B 211 -8.71 -1.83 27.13
N PHE B 212 -9.17 -0.69 27.63
CA PHE B 212 -8.24 0.42 27.89
C PHE B 212 -7.23 0.06 28.98
N GLU B 213 -7.73 -0.60 30.03
CA GLU B 213 -6.90 -1.02 31.15
C GLU B 213 -5.75 -1.97 30.76
N THR B 214 -6.07 -2.98 29.97
CA THR B 214 -5.05 -3.83 29.39
C THR B 214 -3.95 -3.07 28.63
N LEU B 215 -4.34 -2.10 27.82
CA LEU B 215 -3.40 -1.31 27.04
C LEU B 215 -2.48 -0.42 27.92
N VAL B 216 -3.02 0.14 29.00
CA VAL B 216 -2.21 0.96 29.91
C VAL B 216 -1.59 0.12 31.03
N GLN B 217 -1.62 -1.20 30.90
CA GLN B 217 -0.92 -2.10 31.82
C GLN B 217 -1.44 -1.97 33.26
N LYS B 218 -2.72 -2.31 33.44
CA LYS B 218 -3.45 -2.03 34.67
C LYS B 218 -4.53 -3.07 34.89
N THR B 219 -4.21 -4.12 35.66
CA THR B 219 -5.05 -5.33 35.77
C THR B 219 -5.81 -5.52 37.12
N SER B 220 -5.58 -4.61 38.08
CA SER B 220 -6.17 -4.69 39.42
C SER B 220 -7.59 -4.07 39.59
N CYS B 221 -8.14 -3.45 38.55
CA CYS B 221 -9.37 -2.67 38.69
C CYS B 221 -10.64 -3.49 38.66
N THR B 222 -11.68 -3.00 39.32
CA THR B 222 -13.02 -3.57 39.27
C THR B 222 -14.17 -2.58 38.92
N GLY B 223 -13.91 -1.28 38.75
CA GLY B 223 -14.97 -0.30 38.38
C GLY B 223 -14.93 -0.08 36.88
N ASN B 224 -15.19 -1.15 36.14
CA ASN B 224 -14.95 -1.17 34.72
C ASN B 224 -16.03 -2.08 34.11
N GLY B 225 -17.24 -2.12 34.68
CA GLY B 225 -18.34 -2.93 34.17
C GLY B 225 -19.15 -2.31 33.02
N PHE B 226 -18.90 -1.05 32.67
CA PHE B 226 -19.58 -0.47 31.50
C PHE B 226 -19.50 -1.37 30.24
N GLN B 227 -20.63 -1.55 29.59
CA GLN B 227 -20.70 -2.28 28.34
C GLN B 227 -21.09 -1.37 27.19
N GLY B 228 -20.22 -1.32 26.19
CA GLY B 228 -20.45 -0.51 25.03
C GLY B 228 -19.27 -0.48 24.10
N TYR B 229 -19.26 0.49 23.21
CA TYR B 229 -18.23 0.57 22.19
C TYR B 229 -18.25 1.93 21.57
N TYR B 230 -17.24 2.24 20.76
CA TYR B 230 -17.27 3.48 19.98
C TYR B 230 -17.51 3.17 18.53
N ILE B 231 -18.29 4.05 17.88
CA ILE B 231 -18.48 4.01 16.44
C ILE B 231 -17.90 5.32 15.89
N CYS B 232 -17.02 5.21 14.89
CA CYS B 232 -16.17 6.31 14.45
C CYS B 232 -16.28 6.48 12.95
N LEU B 233 -16.07 7.71 12.51
CA LEU B 233 -15.93 7.98 11.09
C LEU B 233 -14.60 8.62 10.89
N VAL B 234 -13.94 8.24 9.82
CA VAL B 234 -12.58 8.66 9.54
C VAL B 234 -12.61 9.72 8.46
N GLY B 235 -11.96 10.85 8.70
CA GLY B 235 -11.97 11.98 7.76
C GLY B 235 -13.35 12.60 7.57
N SER B 236 -13.63 13.08 6.36
CA SER B 236 -14.91 13.65 6.00
C SER B 236 -15.94 12.60 5.53
N SER B 237 -15.48 11.41 5.15
CA SER B 237 -16.39 10.34 4.79
C SER B 237 -15.68 9.02 4.89
N SER B 238 -16.41 8.01 5.34
CA SER B 238 -15.88 6.68 5.48
C SER B 238 -17.04 5.78 5.80
N GLU B 239 -16.75 4.48 5.79
CA GLU B 239 -17.62 3.54 6.44
C GLU B 239 -17.38 3.57 7.95
N PRO B 240 -18.40 3.22 8.74
CA PRO B 240 -18.23 3.25 10.20
C PRO B 240 -17.16 2.28 10.64
N LEU B 241 -16.39 2.70 11.62
CA LEU B 241 -15.36 1.91 12.22
C LEU B 241 -15.76 1.63 13.67
N TYR B 242 -15.84 0.36 14.02
CA TYR B 242 -16.21 -0.14 15.34
C TYR B 242 -14.94 -0.25 16.21
N ILE B 243 -14.98 0.34 17.41
CA ILE B 243 -13.86 0.27 18.35
C ILE B 243 -14.35 -0.46 19.59
N PRO B 244 -13.72 -1.58 19.97
CA PRO B 244 -12.55 -2.18 19.29
C PRO B 244 -12.86 -3.26 18.25
N THR B 245 -12.18 -3.22 17.10
CA THR B 245 -12.10 -4.31 16.14
C THR B 245 -10.61 -4.75 16.04
N LEU B 246 -10.28 -5.89 16.61
CA LEU B 246 -8.86 -6.33 16.77
C LEU B 246 -8.06 -6.41 15.47
N ASP B 247 -8.71 -6.86 14.39
CA ASP B 247 -8.03 -7.09 13.13
C ASP B 247 -8.08 -5.90 12.20
N ASP B 248 -8.54 -4.75 12.69
CA ASP B 248 -8.45 -3.50 11.99
C ASP B 248 -7.33 -2.62 12.59
N TYR B 249 -6.28 -2.35 11.85
CA TYR B 249 -5.14 -1.54 12.36
C TYR B 249 -5.53 -0.16 12.88
N ARG B 250 -6.63 0.36 12.33
CA ARG B 250 -7.12 1.68 12.67
C ARG B 250 -7.75 1.67 14.05
N SER B 251 -8.42 0.58 14.39
CA SER B 251 -8.97 0.43 15.72
C SER B 251 -7.85 0.52 16.78
N ALA B 252 -6.75 -0.20 16.55
CA ALA B 252 -5.61 -0.16 17.45
C ALA B 252 -5.06 1.26 17.59
N GLU B 253 -4.98 1.96 16.48
CA GLU B 253 -4.53 3.34 16.50
C GLU B 253 -5.45 4.31 17.27
N VAL B 254 -6.75 4.16 17.10
CA VAL B 254 -7.71 5.02 17.76
C VAL B 254 -7.68 4.75 19.26
N LEU B 255 -7.64 3.48 19.65
CA LEU B 255 -7.58 3.17 21.06
C LEU B 255 -6.35 3.73 21.72
N SER B 256 -5.19 3.66 21.06
CA SER B 256 -3.99 4.28 21.64
C SER B 256 -4.14 5.75 21.83
N ARG B 257 -4.60 6.41 20.77
CA ARG B 257 -4.79 7.83 20.77
C ARG B 257 -5.77 8.24 21.88
N MET B 258 -6.83 7.46 22.06
CA MET B 258 -7.76 7.65 23.16
C MET B 258 -7.07 7.49 24.52
N ALA B 259 -6.25 6.47 24.65
CA ALA B 259 -5.57 6.21 25.91
C ALA B 259 -4.63 7.37 26.27
N PHE B 260 -4.01 8.00 25.28
CA PHE B 260 -3.07 9.09 25.52
C PHE B 260 -3.74 10.46 25.65
N ALA B 261 -4.84 10.65 24.92
CA ALA B 261 -5.59 11.89 24.98
C ALA B 261 -7.07 11.54 25.21
N PRO B 262 -7.41 11.16 26.46
CA PRO B 262 -8.76 10.72 26.75
C PRO B 262 -9.86 11.74 26.58
N HIS B 263 -9.52 13.03 26.53
CA HIS B 263 -10.50 14.10 26.26
C HIS B 263 -10.43 14.64 24.85
N GLY B 264 -9.78 13.91 23.95
CA GLY B 264 -9.68 14.33 22.54
C GLY B 264 -8.54 15.28 22.28
N GLU B 265 -8.42 15.70 21.03
CA GLU B 265 -7.38 16.66 20.66
C GLU B 265 -7.76 17.61 19.56
N ASP B 266 -9.03 17.99 19.53
CA ASP B 266 -9.52 18.96 18.54
C ASP B 266 -9.05 20.41 18.90
N HIS B 267 -8.25 20.54 19.96
CA HIS B 267 -8.10 21.77 20.72
C HIS B 267 -6.67 22.29 20.48
N ALA B 276 -7.25 30.91 27.46
CA ALA B 276 -6.60 30.01 28.40
C ALA B 276 -7.62 29.39 29.36
N MET B 277 -7.34 28.16 29.77
CA MET B 277 -8.15 27.37 30.71
C MET B 277 -7.28 27.27 31.95
N ARG B 278 -7.88 27.50 33.12
CA ARG B 278 -7.15 27.63 34.38
C ARG B 278 -7.61 26.55 35.36
N ILE B 279 -6.69 25.68 35.76
CA ILE B 279 -6.98 24.58 36.65
C ILE B 279 -6.96 25.04 38.09
N ILE B 280 -7.97 24.61 38.84
CA ILE B 280 -8.22 25.08 40.21
C ILE B 280 -7.95 23.98 41.23
N GLY B 281 -8.44 22.77 40.98
CA GLY B 281 -8.14 21.66 41.88
C GLY B 281 -9.04 20.46 41.75
N LYS B 282 -8.75 19.44 42.55
CA LYS B 282 -9.49 18.16 42.55
C LYS B 282 -10.87 18.25 43.21
N VAL B 283 -11.89 17.68 42.56
CA VAL B 283 -13.23 17.63 43.10
C VAL B 283 -13.83 16.23 42.97
N THR B 284 -14.78 15.93 43.85
CA THR B 284 -15.46 14.65 43.84
C THR B 284 -16.94 14.92 43.96
N GLY B 285 -17.73 13.89 43.70
CA GLY B 285 -19.17 14.04 43.76
C GLY B 285 -19.92 12.73 43.61
N LYS B 286 -21.24 12.81 43.74
CA LYS B 286 -22.10 11.63 43.74
C LYS B 286 -22.90 11.53 42.45
N ALA B 287 -22.68 10.44 41.71
CA ALA B 287 -23.38 10.20 40.47
C ALA B 287 -23.86 8.76 40.48
N PRO B 288 -25.18 8.53 40.44
CA PRO B 288 -26.19 9.61 40.51
C PRO B 288 -26.21 10.28 41.90
N SER B 289 -26.91 11.39 42.02
CA SER B 289 -26.93 12.18 43.28
C SER B 289 -27.45 11.42 44.51
N THR B 290 -28.24 10.39 44.25
CA THR B 290 -28.75 9.50 45.29
C THR B 290 -27.72 8.53 45.90
N GLU B 291 -26.52 8.43 45.36
CA GLU B 291 -25.47 7.59 45.96
C GLU B 291 -25.04 8.13 47.32
N SER B 292 -24.73 7.22 48.24
CA SER B 292 -24.37 7.61 49.61
C SER B 292 -22.93 8.05 49.72
N SER B 293 -22.06 7.53 48.83
CA SER B 293 -20.67 8.00 48.73
C SER B 293 -20.34 8.47 47.32
N ASP B 294 -19.20 9.13 47.21
CA ASP B 294 -18.71 9.67 45.95
C ASP B 294 -18.38 8.57 44.97
N THR B 295 -18.81 8.76 43.73
CA THR B 295 -18.60 7.81 42.65
C THR B 295 -17.86 8.40 41.45
N ILE B 296 -17.49 9.68 41.52
CA ILE B 296 -16.85 10.36 40.41
C ILE B 296 -15.87 11.41 40.94
N GLN B 297 -14.79 11.61 40.18
CA GLN B 297 -13.83 12.68 40.47
C GLN B 297 -13.44 13.40 39.19
N GLY B 298 -12.77 14.52 39.37
CA GLY B 298 -12.31 15.28 38.27
C GLY B 298 -11.53 16.47 38.73
N VAL B 299 -11.27 17.39 37.80
CA VAL B 299 -10.53 18.60 38.06
C VAL B 299 -11.40 19.79 37.69
N ALA B 300 -11.64 20.63 38.69
CA ALA B 300 -12.35 21.89 38.52
C ALA B 300 -11.47 22.88 37.80
N PHE B 301 -12.08 23.63 36.89
CA PHE B 301 -11.38 24.66 36.17
C PHE B 301 -12.28 25.87 35.94
N SER B 302 -11.62 26.96 35.57
CA SER B 302 -12.30 28.16 35.10
C SER B 302 -11.65 28.64 33.82
N GLY B 303 -12.35 29.51 33.14
CA GLY B 303 -11.90 30.06 31.91
C GLY B 303 -12.58 29.32 30.77
N ASN B 304 -11.92 29.35 29.63
CA ASN B 304 -12.49 28.92 28.39
C ASN B 304 -12.73 27.42 28.43
N PRO B 305 -13.98 26.99 28.16
CA PRO B 305 -14.18 25.55 28.06
C PRO B 305 -13.31 24.99 26.96
N LEU B 306 -12.69 23.85 27.19
CA LEU B 306 -11.76 23.31 26.23
C LEU B 306 -12.24 21.93 25.78
N TYR B 307 -12.47 21.03 26.73
CA TYR B 307 -12.94 19.70 26.43
C TYR B 307 -14.45 19.61 26.59
N THR B 308 -15.02 18.54 26.06
CA THR B 308 -16.42 18.24 26.26
C THR B 308 -16.65 17.93 27.73
N SER B 309 -17.88 18.13 28.18
CA SER B 309 -18.27 18.02 29.57
C SER B 309 -19.22 16.87 29.81
N THR B 310 -19.27 15.92 28.88
CA THR B 310 -20.19 14.81 28.97
C THR B 310 -19.45 13.45 28.96
N GLY B 311 -19.96 12.49 29.72
CA GLY B 311 -19.45 11.14 29.70
C GLY B 311 -20.31 10.15 30.47
N VAL B 312 -19.81 8.92 30.61
N VAL B 312 -19.78 8.95 30.66
CA VAL B 312 -20.46 7.88 31.38
CA VAL B 312 -20.46 7.89 31.35
C VAL B 312 -19.46 7.35 32.39
C VAL B 312 -19.46 7.38 32.39
N LEU B 313 -19.97 6.99 33.57
CA LEU B 313 -19.16 6.24 34.53
C LEU B 313 -18.74 4.88 33.97
N THR B 314 -17.47 4.54 34.10
CA THR B 314 -17.00 3.22 33.65
C THR B 314 -17.43 2.09 34.60
N ALA B 315 -17.77 2.43 35.84
CA ALA B 315 -18.04 1.43 36.88
C ALA B 315 -19.37 0.71 36.74
N LYS B 316 -20.37 1.35 36.16
CA LYS B 316 -21.68 0.72 36.09
C LYS B 316 -22.01 0.13 34.70
N ASP B 317 -22.38 -1.17 34.70
CA ASP B 317 -22.91 -1.89 33.51
C ASP B 317 -24.01 -1.06 32.84
N ASP B 318 -25.01 -0.64 33.65
CA ASP B 318 -26.05 0.31 33.23
C ASP B 318 -25.41 1.67 33.21
N PRO B 319 -25.44 2.35 32.05
CA PRO B 319 -24.75 3.63 31.94
C PRO B 319 -25.31 4.70 32.90
N VAL B 320 -24.42 5.38 33.62
CA VAL B 320 -24.76 6.59 34.36
C VAL B 320 -24.12 7.75 33.61
N TYR B 321 -24.95 8.56 32.94
CA TYR B 321 -24.48 9.65 32.12
C TYR B 321 -24.27 10.90 32.99
N ILE B 322 -23.20 11.61 32.71
CA ILE B 322 -22.82 12.77 33.49
C ILE B 322 -22.63 13.97 32.60
N TRP B 323 -23.14 15.11 33.07
CA TRP B 323 -22.85 16.43 32.52
C TRP B 323 -22.18 17.24 33.61
N ALA B 324 -20.93 17.64 33.39
CA ALA B 324 -20.12 18.25 34.46
C ALA B 324 -19.52 19.57 34.02
N PRO B 325 -20.34 20.63 33.99
CA PRO B 325 -19.81 21.91 33.55
C PRO B 325 -18.80 22.47 34.53
N GLY B 326 -17.67 22.91 33.99
CA GLY B 326 -16.60 23.47 34.78
C GLY B 326 -15.72 22.42 35.43
N ILE B 327 -15.90 21.16 35.07
CA ILE B 327 -15.09 20.07 35.60
C ILE B 327 -14.61 19.17 34.49
N ILE B 328 -13.31 18.88 34.45
CA ILE B 328 -12.76 17.87 33.55
C ILE B 328 -12.89 16.60 34.30
N MET B 329 -13.87 15.79 33.93
CA MET B 329 -14.07 14.51 34.61
C MET B 329 -12.90 13.56 34.40
N GLU B 330 -12.65 12.72 35.40
CA GLU B 330 -11.52 11.82 35.35
C GLU B 330 -11.68 10.87 34.16
N GLY B 331 -10.75 10.94 33.21
CA GLY B 331 -10.70 10.00 32.08
C GLY B 331 -9.38 9.24 31.92
N ASN B 332 -8.45 9.45 32.85
CA ASN B 332 -7.16 8.76 32.84
C ASN B 332 -7.40 7.27 33.09
N HIS B 333 -7.08 6.45 32.10
CA HIS B 333 -7.33 5.02 32.14
C HIS B 333 -6.46 4.24 33.14
N SER B 334 -5.32 4.81 33.52
CA SER B 334 -4.46 4.21 34.57
C SER B 334 -5.08 4.23 35.99
N VAL B 335 -6.09 5.08 36.20
CA VAL B 335 -6.81 5.16 37.47
C VAL B 335 -7.86 4.05 37.49
N CYS B 336 -8.19 3.53 38.67
CA CYS B 336 -9.16 2.43 38.77
C CYS B 336 -10.57 2.91 39.06
N ASP B 337 -10.71 3.84 39.99
CA ASP B 337 -12.02 4.25 40.48
C ASP B 337 -12.44 5.62 39.98
N LYS B 338 -13.74 5.84 39.99
CA LYS B 338 -14.34 7.16 39.81
C LYS B 338 -14.06 7.79 38.43
N LYS B 339 -13.85 6.95 37.41
CA LYS B 339 -13.45 7.43 36.10
C LYS B 339 -14.59 7.33 35.10
N THR B 340 -14.37 7.95 33.94
CA THR B 340 -15.40 8.07 32.92
C THR B 340 -14.85 7.87 31.54
N LEU B 341 -15.78 7.65 30.59
CA LEU B 341 -15.50 7.64 29.15
C LEU B 341 -16.30 8.77 28.54
N PRO B 342 -15.69 9.50 27.60
CA PRO B 342 -16.42 10.61 27.00
C PRO B 342 -17.45 10.14 25.97
N LEU B 343 -18.53 10.91 25.85
CA LEU B 343 -19.62 10.61 24.94
CA LEU B 343 -19.63 10.60 24.94
C LEU B 343 -19.21 10.75 23.48
N THR B 344 -18.42 11.76 23.18
CA THR B 344 -17.80 11.93 21.87
C THR B 344 -16.32 12.11 22.04
N TRP B 345 -15.58 11.80 20.99
CA TRP B 345 -14.12 11.89 21.02
C TRP B 345 -13.67 12.26 19.63
N THR B 346 -12.87 13.32 19.55
CA THR B 346 -12.29 13.77 18.30
C THR B 346 -10.78 13.76 18.46
N GLY B 347 -10.11 13.12 17.51
CA GLY B 347 -8.67 13.05 17.52
C GLY B 347 -8.12 12.75 16.16
N PHE B 348 -6.83 12.40 16.12
CA PHE B 348 -6.10 12.22 14.88
C PHE B 348 -5.27 10.95 14.92
N ILE B 349 -5.28 10.22 13.81
CA ILE B 349 -4.43 9.03 13.64
C ILE B 349 -3.68 9.09 12.32
N PRO B 350 -2.44 8.53 12.29
CA PRO B 350 -1.71 8.42 11.03
C PRO B 350 -2.24 7.27 10.18
N LEU B 351 -2.51 7.55 8.91
CA LEU B 351 -2.94 6.52 7.97
C LEU B 351 -1.94 6.39 6.82
N PRO B 352 -1.66 5.14 6.42
CA PRO B 352 -0.87 4.91 5.23
C PRO B 352 -1.74 5.06 3.99
N GLY B 353 -1.15 5.60 2.92
CA GLY B 353 -1.85 5.79 1.65
C GLY B 353 -0.99 6.49 0.62
N GLU B 354 -1.65 7.27 -0.25
CA GLU B 354 -0.98 7.94 -1.36
C GLU B 354 -1.43 9.41 -1.42
N ILE B 355 -0.48 10.35 -1.37
CA ILE B 355 -0.74 11.78 -1.47
C ILE B 355 -0.91 12.08 -2.97
N GLU B 356 -1.99 12.74 -3.41
CA GLU B 356 -2.23 12.98 -4.86
C GLU B 356 -1.31 14.05 -5.46
N LYS B 357 -0.69 13.72 -6.61
CA LYS B 357 0.17 14.66 -7.35
C LYS B 357 1.12 15.42 -6.41
#